data_2AFX
#
_entry.id   2AFX
#
_cell.length_a   119.013
_cell.length_b   119.013
_cell.length_c   332.821
_cell.angle_alpha   90.00
_cell.angle_beta   90.00
_cell.angle_gamma   120.00
#
_symmetry.space_group_name_H-M   'H 3 2'
#
loop_
_entity.id
_entity.type
_entity.pdbx_description
1 polymer 'Glutaminyl-peptide cyclotransferase'
2 non-polymer 'ZINC ION'
3 non-polymer 'SULFATE ION'
4 non-polymer 1-BENZYL-1H-IMIDAZOLE
5 water water
#
_entity_poly.entity_id   1
_entity_poly.type   'polypeptide(L)'
_entity_poly.pdbx_seq_one_letter_code
;ASAWPEEKNYHQPAILNSSALRQIAEGTSISEMWQNDLQPLLIERYPGSPGSYAARQHIMQRIQRLQADWVLEIDTFLSQ
TPYGYRSFSNIISTLNPTAKRHLVLACHYDSKYFSHWNNRVFVGATDSAVPCAMMLELARALDKKLLSLKTVSDSKPDLS
LQLIFFDGEEAFLHWSPQDSLYGSRHLAAKMASTPHPPGARGTSQLHGMDLLVLLDLIGAPNPTFPNFFPNSARWFERLQ
AIEHELHELGLLKDHSLEGRYFQNYSYGGVIQDDHIPFLRRGVPVLHLIPSPFPEVWHTMDDNEENLDESTIDNLNKILQ
VFVLEYLHL
;
_entity_poly.pdbx_strand_id   A,B
#
# COMPACT_ATOMS: atom_id res chain seq x y z
N ALA A 1 0.47 -15.81 -22.26
CA ALA A 1 0.90 -15.51 -20.83
C ALA A 1 2.43 -15.37 -20.79
N SER A 2 2.94 -14.14 -20.82
CA SER A 2 4.38 -13.89 -20.87
C SER A 2 5.24 -14.64 -19.84
N ALA A 3 6.44 -15.02 -20.28
CA ALA A 3 7.40 -15.72 -19.45
C ALA A 3 8.48 -14.71 -18.98
N TRP A 4 8.20 -13.41 -19.08
CA TRP A 4 9.25 -12.45 -18.68
C TRP A 4 9.77 -12.63 -17.24
N PRO A 5 8.91 -13.07 -16.29
CA PRO A 5 9.45 -13.24 -14.92
C PRO A 5 10.51 -14.36 -14.85
N GLU A 6 10.62 -15.15 -15.91
CA GLU A 6 11.64 -16.21 -15.89
C GLU A 6 12.96 -15.74 -16.48
N GLU A 7 12.96 -14.55 -17.06
CA GLU A 7 14.19 -14.02 -17.67
C GLU A 7 15.36 -14.00 -16.68
N LYS A 8 15.06 -13.69 -15.42
CA LYS A 8 16.11 -13.63 -14.40
C LYS A 8 16.86 -14.96 -14.27
N ASN A 9 16.19 -16.07 -14.57
CA ASN A 9 16.83 -17.38 -14.44
C ASN A 9 17.92 -17.63 -15.49
N TYR A 10 17.85 -16.93 -16.63
CA TYR A 10 18.80 -17.14 -17.73
C TYR A 10 19.70 -15.96 -17.96
N HIS A 11 19.48 -14.90 -17.19
CA HIS A 11 20.26 -13.70 -17.37
C HIS A 11 21.74 -13.93 -17.13
N GLN A 12 22.58 -13.44 -18.04
CA GLN A 12 24.03 -13.58 -17.89
C GLN A 12 24.68 -12.20 -17.81
N PRO A 13 25.83 -12.10 -17.13
CA PRO A 13 26.47 -10.78 -17.04
C PRO A 13 27.25 -10.50 -18.32
N ALA A 14 27.54 -9.23 -18.56
CA ALA A 14 28.40 -8.83 -19.69
C ALA A 14 29.67 -8.46 -18.91
N ILE A 15 30.64 -9.38 -18.92
CA ILE A 15 31.87 -9.22 -18.15
C ILE A 15 32.82 -8.12 -18.61
N LEU A 16 33.30 -7.32 -17.67
CA LEU A 16 34.21 -6.21 -17.96
C LEU A 16 35.62 -6.71 -18.23
N ASN A 17 36.27 -6.16 -19.25
CA ASN A 17 37.65 -6.56 -19.54
C ASN A 17 38.58 -5.77 -18.60
N SER A 18 39.86 -6.07 -18.67
CA SER A 18 40.86 -5.40 -17.81
C SER A 18 40.81 -3.90 -17.84
N SER A 19 40.72 -3.31 -19.05
CA SER A 19 40.67 -1.86 -19.14
C SER A 19 39.49 -1.28 -18.40
N ALA A 20 38.33 -1.93 -18.54
CA ALA A 20 37.13 -1.47 -17.87
C ALA A 20 37.27 -1.64 -16.37
N LEU A 21 37.88 -2.74 -15.94
CA LEU A 21 38.05 -2.97 -14.51
C LEU A 21 38.94 -1.89 -13.93
N ARG A 22 40.00 -1.51 -14.66
CA ARG A 22 40.84 -0.45 -14.15
C ARG A 22 40.05 0.83 -14.07
N GLN A 23 39.20 1.06 -15.05
CA GLN A 23 38.42 2.27 -15.04
C GLN A 23 37.47 2.35 -13.82
N ILE A 24 36.84 1.23 -13.50
CA ILE A 24 35.94 1.23 -12.35
C ILE A 24 36.73 1.44 -11.06
N ALA A 25 37.87 0.77 -10.94
CA ALA A 25 38.69 0.93 -9.74
C ALA A 25 39.11 2.38 -9.53
N GLU A 26 39.47 3.08 -10.61
CA GLU A 26 39.90 4.45 -10.48
C GLU A 26 38.74 5.41 -10.35
N GLY A 27 37.54 4.94 -10.68
CA GLY A 27 36.38 5.81 -10.67
C GLY A 27 35.63 5.97 -9.38
N THR A 28 36.01 5.21 -8.35
CA THR A 28 35.35 5.33 -7.06
C THR A 28 36.34 5.94 -6.08
N SER A 29 35.86 6.74 -5.15
CA SER A 29 36.71 7.42 -4.17
C SER A 29 36.27 7.15 -2.76
N ILE A 30 37.07 6.35 -2.05
CA ILE A 30 36.73 6.03 -0.66
C ILE A 30 36.78 7.26 0.23
N SER A 31 37.71 8.19 -0.04
CA SER A 31 37.78 9.41 0.80
C SER A 31 36.55 10.34 0.57
N GLU A 32 36.09 10.43 -0.67
CA GLU A 32 34.91 11.24 -0.98
C GLU A 32 33.68 10.58 -0.34
N MET A 33 33.58 9.26 -0.43
CA MET A 33 32.44 8.58 0.19
C MET A 33 32.48 8.84 1.69
N TRP A 34 33.66 8.70 2.27
CA TRP A 34 33.81 8.88 3.71
C TRP A 34 33.30 10.21 4.19
N GLN A 35 33.76 11.25 3.53
CA GLN A 35 33.39 12.60 3.91
C GLN A 35 31.96 12.98 3.54
N ASN A 36 31.55 12.65 2.33
CA ASN A 36 30.27 13.11 1.84
C ASN A 36 29.06 12.24 2.00
N ASP A 37 29.29 10.92 2.07
CA ASP A 37 28.17 9.99 2.21
C ASP A 37 28.09 9.30 3.55
N LEU A 38 29.26 8.94 4.10
CA LEU A 38 29.28 8.23 5.36
C LEU A 38 29.17 9.05 6.63
N GLN A 39 30.04 10.06 6.78
CA GLN A 39 30.04 10.80 8.02
C GLN A 39 28.70 11.40 8.42
N PRO A 40 27.91 11.91 7.46
CA PRO A 40 26.62 12.47 7.87
C PRO A 40 25.67 11.43 8.43
N LEU A 41 25.96 10.14 8.20
CA LEU A 41 25.10 9.06 8.70
C LEU A 41 25.57 8.48 10.04
N LEU A 42 26.74 8.91 10.50
CA LEU A 42 27.26 8.38 11.74
C LEU A 42 26.67 9.13 12.92
N ILE A 43 25.37 8.97 13.04
CA ILE A 43 24.56 9.61 14.05
C ILE A 43 23.49 8.64 14.54
N GLU A 44 22.93 8.93 15.71
CA GLU A 44 21.86 8.14 16.29
C GLU A 44 20.66 8.33 15.36
N ARG A 45 20.09 7.23 14.86
CA ARG A 45 19.00 7.34 13.89
C ARG A 45 17.99 6.21 14.00
N TYR A 46 17.58 5.91 15.24
CA TYR A 46 16.58 4.87 15.43
C TYR A 46 15.25 5.41 14.89
N PRO A 47 14.32 4.52 14.55
CA PRO A 47 13.04 4.96 13.99
C PRO A 47 12.31 6.03 14.78
N GLY A 48 11.87 7.06 14.08
CA GLY A 48 11.12 8.14 14.70
C GLY A 48 11.98 9.24 15.31
N SER A 49 13.29 9.02 15.38
CA SER A 49 14.19 10.00 15.97
C SER A 49 14.52 11.15 15.03
N PRO A 50 15.03 12.25 15.60
CA PRO A 50 15.38 13.37 14.71
C PRO A 50 16.46 12.89 13.74
N GLY A 51 17.28 11.95 14.21
CA GLY A 51 18.35 11.42 13.39
C GLY A 51 17.84 10.61 12.21
N SER A 52 16.73 9.92 12.39
CA SER A 52 16.15 9.17 11.29
C SER A 52 15.77 10.16 10.21
N TYR A 53 15.16 11.26 10.61
CA TYR A 53 14.77 12.29 9.63
C TYR A 53 16.00 12.85 8.91
N ALA A 54 17.05 13.19 9.67
CA ALA A 54 18.25 13.75 9.06
C ALA A 54 18.92 12.75 8.12
N ALA A 55 18.92 11.48 8.51
CA ALA A 55 19.53 10.44 7.66
C ALA A 55 18.76 10.30 6.36
N ARG A 56 17.43 10.30 6.47
CA ARG A 56 16.57 10.20 5.29
C ARG A 56 16.79 11.40 4.35
N GLN A 57 16.88 12.60 4.92
CA GLN A 57 17.11 13.80 4.09
C GLN A 57 18.46 13.72 3.39
N HIS A 58 19.47 13.23 4.11
CA HIS A 58 20.81 13.10 3.54
C HIS A 58 20.82 12.11 2.39
N ILE A 59 20.23 10.93 2.62
CA ILE A 59 20.20 9.94 1.55
C ILE A 59 19.47 10.51 0.32
N MET A 60 18.32 11.14 0.53
CA MET A 60 17.56 11.68 -0.59
C MET A 60 18.31 12.78 -1.33
N GLN A 61 18.93 13.67 -0.58
CA GLN A 61 19.69 14.77 -1.19
C GLN A 61 20.87 14.28 -2.00
N ARG A 62 21.61 13.29 -1.48
CA ARG A 62 22.73 12.75 -2.21
C ARG A 62 22.31 12.05 -3.50
N ILE A 63 21.12 11.45 -3.51
CA ILE A 63 20.66 10.82 -4.74
C ILE A 63 20.16 11.89 -5.72
N GLN A 64 19.44 12.89 -5.20
CA GLN A 64 18.86 13.94 -6.03
C GLN A 64 19.88 14.76 -6.81
N ARG A 65 21.07 14.95 -6.25
CA ARG A 65 22.10 15.73 -6.94
C ARG A 65 22.70 15.00 -8.16
N LEU A 66 22.45 13.71 -8.30
CA LEU A 66 23.01 12.94 -9.40
C LEU A 66 22.33 13.18 -10.75
N GLN A 67 23.05 12.89 -11.82
CA GLN A 67 22.50 13.08 -13.16
C GLN A 67 21.49 12.03 -13.62
N ALA A 68 21.71 10.78 -13.22
CA ALA A 68 20.79 9.71 -13.62
C ALA A 68 19.37 10.02 -13.13
N ASP A 69 18.38 9.48 -13.83
CA ASP A 69 16.98 9.76 -13.59
C ASP A 69 16.33 9.02 -12.42
N TRP A 70 16.89 9.16 -11.23
CA TRP A 70 16.36 8.45 -10.05
C TRP A 70 15.02 8.99 -9.63
N VAL A 71 14.10 8.07 -9.36
CA VAL A 71 12.78 8.44 -8.88
C VAL A 71 12.76 8.03 -7.41
N LEU A 72 12.62 9.02 -6.54
CA LEU A 72 12.59 8.76 -5.09
C LEU A 72 11.17 8.65 -4.56
N GLU A 73 10.98 7.68 -3.68
CA GLU A 73 9.70 7.47 -3.02
C GLU A 73 9.94 7.23 -1.54
N ILE A 74 9.10 7.82 -0.69
CA ILE A 74 9.19 7.60 0.75
C ILE A 74 7.96 6.74 1.06
N ASP A 75 8.22 5.55 1.58
CA ASP A 75 7.19 4.57 1.92
C ASP A 75 6.97 4.64 3.42
N THR A 76 5.98 5.44 3.81
CA THR A 76 5.69 5.67 5.23
C THR A 76 4.48 4.88 5.70
N PHE A 77 4.61 4.25 6.86
CA PHE A 77 3.57 3.40 7.38
C PHE A 77 3.62 3.28 8.90
N LEU A 78 2.56 2.75 9.48
CA LEU A 78 2.48 2.53 10.91
C LEU A 78 2.66 1.05 11.23
N SER A 79 3.22 0.75 12.40
CA SER A 79 3.30 -0.60 12.85
C SER A 79 3.23 -0.60 14.36
N GLN A 80 2.72 -1.69 14.94
CA GLN A 80 2.68 -1.86 16.39
C GLN A 80 4.11 -2.19 16.74
N THR A 81 4.56 -1.76 17.92
CA THR A 81 5.92 -2.01 18.37
C THR A 81 5.83 -2.22 19.89
N PRO A 82 6.93 -2.61 20.55
CA PRO A 82 6.88 -2.82 22.01
C PRO A 82 6.54 -1.51 22.70
N TYR A 83 6.68 -0.40 21.98
CA TYR A 83 6.37 0.89 22.57
C TYR A 83 5.10 1.49 21.99
N GLY A 84 4.26 0.63 21.42
CA GLY A 84 3.00 1.06 20.86
C GLY A 84 3.13 1.41 19.41
N TYR A 85 2.07 1.97 18.82
CA TYR A 85 2.12 2.29 17.40
C TYR A 85 3.17 3.35 17.08
N ARG A 86 3.93 3.13 16.02
CA ARG A 86 4.96 4.08 15.57
C ARG A 86 4.96 4.16 14.06
N SER A 87 5.53 5.24 13.55
CA SER A 87 5.64 5.47 12.11
C SER A 87 7.06 5.17 11.64
N PHE A 88 7.15 4.60 10.44
CA PHE A 88 8.43 4.22 9.82
C PHE A 88 8.40 4.69 8.38
N SER A 89 9.58 4.91 7.79
CA SER A 89 9.67 5.36 6.41
C SER A 89 10.81 4.72 5.63
N ASN A 90 10.46 3.84 4.71
CA ASN A 90 11.48 3.22 3.85
C ASN A 90 11.82 4.22 2.76
N ILE A 91 13.03 4.16 2.23
CA ILE A 91 13.42 5.03 1.12
C ILE A 91 13.63 4.15 -0.09
N ILE A 92 12.97 4.44 -1.21
CA ILE A 92 13.17 3.63 -2.41
C ILE A 92 13.62 4.56 -3.51
N SER A 93 14.69 4.19 -4.20
CA SER A 93 15.23 5.02 -5.28
C SER A 93 15.26 4.15 -6.52
N THR A 94 14.51 4.51 -7.57
CA THR A 94 14.41 3.63 -8.72
C THR A 94 14.71 4.26 -10.05
N LEU A 95 15.52 3.57 -10.86
CA LEU A 95 15.75 4.05 -12.23
C LEU A 95 14.73 3.27 -13.08
N ASN A 96 14.05 3.95 -14.02
CA ASN A 96 13.07 3.28 -14.91
C ASN A 96 11.98 2.49 -14.16
N PRO A 97 11.11 3.21 -13.42
CA PRO A 97 10.02 2.61 -12.65
C PRO A 97 9.19 1.63 -13.44
N THR A 98 8.97 1.89 -14.74
CA THR A 98 8.14 0.98 -15.50
C THR A 98 8.87 -0.19 -16.13
N ALA A 99 10.20 -0.22 -16.08
CA ALA A 99 10.95 -1.34 -16.62
C ALA A 99 10.39 -2.54 -15.86
N LYS A 100 10.25 -3.68 -16.53
CA LYS A 100 9.67 -4.83 -15.84
C LYS A 100 10.58 -5.44 -14.78
N ARG A 101 11.89 -5.39 -15.03
CA ARG A 101 12.83 -6.03 -14.12
C ARG A 101 13.81 -5.06 -13.50
N HIS A 102 14.13 -5.29 -12.23
CA HIS A 102 15.16 -4.47 -11.59
C HIS A 102 16.11 -5.35 -10.77
N LEU A 103 17.38 -4.99 -10.80
CA LEU A 103 18.39 -5.59 -9.92
C LEU A 103 18.22 -4.63 -8.71
N VAL A 104 18.15 -5.19 -7.49
CA VAL A 104 17.90 -4.35 -6.31
C VAL A 104 19.02 -4.46 -5.28
N LEU A 105 19.58 -3.31 -4.92
CA LEU A 105 20.59 -3.25 -3.84
C LEU A 105 19.89 -2.66 -2.65
N ALA A 106 20.17 -3.19 -1.46
CA ALA A 106 19.48 -2.67 -0.28
C ALA A 106 20.30 -2.79 0.98
N CYS A 107 19.89 -2.04 2.00
CA CYS A 107 20.47 -2.10 3.34
C CYS A 107 19.44 -1.44 4.28
N HIS A 108 19.68 -1.41 5.59
CA HIS A 108 18.77 -0.72 6.49
C HIS A 108 19.45 0.60 6.90
N TYR A 109 18.70 1.68 7.00
CA TYR A 109 19.32 2.95 7.41
C TYR A 109 19.05 3.35 8.87
N ASP A 110 18.17 2.61 9.55
CA ASP A 110 17.93 2.91 10.96
C ASP A 110 19.13 2.37 11.76
N SER A 111 19.30 2.90 12.97
CA SER A 111 20.34 2.37 13.88
C SER A 111 19.55 1.82 15.05
N LYS A 112 20.10 0.78 15.69
CA LYS A 112 19.42 0.16 16.83
C LYS A 112 19.29 1.11 18.01
N TYR A 113 18.11 1.13 18.63
CA TYR A 113 17.89 1.98 19.77
C TYR A 113 18.61 1.51 21.04
N PHE A 114 19.31 2.44 21.68
CA PHE A 114 20.02 2.21 22.95
C PHE A 114 19.95 3.52 23.70
N SER A 115 19.66 3.47 24.98
CA SER A 115 19.64 4.72 25.72
C SER A 115 21.13 5.12 25.85
N HIS A 116 21.42 6.40 25.92
CA HIS A 116 22.82 6.85 26.04
C HIS A 116 23.50 6.21 27.26
N TRP A 117 24.65 5.58 27.03
CA TRP A 117 25.40 4.91 28.11
C TRP A 117 26.78 5.53 28.30
N ASN A 118 26.96 6.19 29.45
CA ASN A 118 28.22 6.81 29.78
C ASN A 118 28.69 7.76 28.69
N ASN A 119 27.78 8.62 28.25
CA ASN A 119 28.06 9.62 27.23
C ASN A 119 28.35 9.07 25.86
N ARG A 120 28.11 7.78 25.65
CA ARG A 120 28.33 7.21 24.32
C ARG A 120 26.99 6.98 23.65
N VAL A 121 26.98 7.08 22.33
CA VAL A 121 25.73 6.89 21.57
C VAL A 121 25.97 5.83 20.49
N PHE A 122 25.00 4.95 20.26
CA PHE A 122 25.16 3.91 19.25
C PHE A 122 24.88 4.44 17.83
N VAL A 123 25.89 4.41 16.97
CA VAL A 123 25.71 4.88 15.59
C VAL A 123 25.75 3.77 14.53
N GLY A 124 25.91 2.52 14.94
CA GLY A 124 25.89 1.42 13.97
C GLY A 124 26.70 1.68 12.70
N ALA A 125 28.01 1.88 12.85
CA ALA A 125 28.85 2.19 11.69
C ALA A 125 28.82 1.10 10.62
N THR A 126 28.97 -0.16 11.01
CA THR A 126 28.94 -1.24 10.02
C THR A 126 27.50 -1.70 9.85
N ASP A 127 26.67 -1.22 10.77
CA ASP A 127 25.29 -1.71 10.90
C ASP A 127 24.23 -0.60 10.93
N SER A 128 23.92 0.05 9.78
CA SER A 128 24.55 -0.21 8.48
C SER A 128 24.89 1.11 7.78
N ALA A 129 25.52 2.01 8.50
CA ALA A 129 25.89 3.29 7.91
C ALA A 129 26.84 3.05 6.73
N VAL A 130 27.80 2.12 6.87
CA VAL A 130 28.70 1.87 5.75
C VAL A 130 27.93 1.32 4.55
N PRO A 131 27.09 0.29 4.73
CA PRO A 131 26.33 -0.17 3.56
C PRO A 131 25.57 1.01 2.88
N CYS A 132 24.98 1.89 3.68
CA CYS A 132 24.25 3.03 3.10
C CYS A 132 25.17 3.85 2.23
N ALA A 133 26.34 4.17 2.77
CA ALA A 133 27.34 4.98 2.06
C ALA A 133 27.88 4.27 0.82
N MET A 134 28.00 2.94 0.87
CA MET A 134 28.47 2.19 -0.29
C MET A 134 27.42 2.31 -1.41
N MET A 135 26.14 2.26 -1.05
CA MET A 135 25.12 2.35 -2.09
C MET A 135 25.13 3.76 -2.70
N LEU A 136 25.29 4.77 -1.85
CA LEU A 136 25.35 6.15 -2.34
C LEU A 136 26.59 6.36 -3.20
N GLU A 137 27.73 5.82 -2.78
CA GLU A 137 28.95 5.97 -3.58
C GLU A 137 28.81 5.23 -4.91
N LEU A 138 28.10 4.09 -4.92
CA LEU A 138 27.93 3.35 -6.16
C LEU A 138 27.09 4.21 -7.12
N ALA A 139 26.04 4.81 -6.59
CA ALA A 139 25.15 5.63 -7.44
C ALA A 139 25.99 6.77 -8.00
N ARG A 140 26.88 7.34 -7.18
CA ARG A 140 27.68 8.47 -7.64
C ARG A 140 28.74 8.03 -8.66
N ALA A 141 29.53 7.02 -8.29
CA ALA A 141 30.61 6.56 -9.18
C ALA A 141 30.15 6.06 -10.53
N LEU A 142 28.96 5.44 -10.58
CA LEU A 142 28.44 4.91 -11.84
C LEU A 142 27.42 5.85 -12.51
N ASP A 143 27.27 7.05 -11.98
CA ASP A 143 26.26 8.00 -12.49
C ASP A 143 26.23 8.18 -14.01
N LYS A 144 27.39 8.38 -14.64
CA LYS A 144 27.34 8.55 -16.09
C LYS A 144 26.79 7.30 -16.80
N LYS A 145 27.22 6.13 -16.35
CA LYS A 145 26.74 4.89 -16.96
C LYS A 145 25.28 4.69 -16.68
N LEU A 146 24.86 4.99 -15.45
CA LEU A 146 23.45 4.82 -15.11
C LEU A 146 22.58 5.84 -15.87
N LEU A 147 23.13 7.00 -16.17
CA LEU A 147 22.39 8.03 -16.93
C LEU A 147 21.97 7.48 -18.29
N SER A 148 22.75 6.54 -18.82
CA SER A 148 22.43 5.98 -20.13
C SER A 148 21.21 5.06 -20.16
N LEU A 149 20.72 4.66 -18.99
CA LEU A 149 19.53 3.82 -18.94
C LEU A 149 18.26 4.66 -19.14
N LYS A 150 18.40 5.99 -19.08
CA LYS A 150 17.27 6.91 -19.22
C LYS A 150 16.56 6.73 -20.54
N PRO A 157 16.41 -6.18 -23.14
CA PRO A 157 16.80 -6.26 -21.71
C PRO A 157 16.08 -5.15 -20.92
N ASP A 158 14.78 -5.36 -20.62
CA ASP A 158 13.96 -4.38 -19.89
C ASP A 158 14.30 -4.50 -18.42
N LEU A 159 15.54 -4.11 -18.12
CA LEU A 159 16.12 -4.28 -16.79
C LEU A 159 16.85 -3.02 -16.32
N SER A 160 16.62 -2.60 -15.08
CA SER A 160 17.29 -1.43 -14.57
C SER A 160 17.68 -1.65 -13.10
N LEU A 161 17.94 -0.57 -12.40
CA LEU A 161 18.44 -0.64 -11.01
C LEU A 161 17.53 0.03 -9.99
N GLN A 162 17.43 -0.55 -8.79
CA GLN A 162 16.65 0.04 -7.70
C GLN A 162 17.45 -0.06 -6.42
N LEU A 163 17.39 0.97 -5.58
CA LEU A 163 18.05 0.93 -4.27
C LEU A 163 16.97 1.01 -3.21
N ILE A 164 17.07 0.21 -2.15
CA ILE A 164 16.09 0.32 -1.07
C ILE A 164 16.86 0.51 0.23
N PHE A 165 16.49 1.54 0.99
CA PHE A 165 17.06 1.79 2.33
C PHE A 165 15.90 1.51 3.28
N PHE A 166 15.94 0.37 3.97
CA PHE A 166 14.88 -0.01 4.90
C PHE A 166 14.95 0.70 6.25
N ASP A 167 13.79 1.09 6.76
CA ASP A 167 13.70 1.65 8.10
C ASP A 167 13.32 0.49 9.00
N GLY A 168 13.61 0.62 10.29
CA GLY A 168 13.18 -0.39 11.24
C GLY A 168 13.67 -1.81 11.12
N GLU A 169 14.89 -2.02 10.65
CA GLU A 169 15.37 -3.39 10.54
C GLU A 169 15.55 -3.94 11.96
N GLU A 170 16.03 -3.08 12.85
CA GLU A 170 16.33 -3.52 14.22
C GLU A 170 15.15 -3.65 15.16
N ALA A 171 15.28 -4.56 16.12
CA ALA A 171 14.24 -4.70 17.13
C ALA A 171 14.37 -3.49 18.06
N PHE A 172 13.26 -3.01 18.63
CA PHE A 172 13.35 -1.93 19.60
C PHE A 172 13.87 -2.50 20.92
N LEU A 173 13.49 -3.73 21.21
CA LEU A 173 13.96 -4.40 22.42
C LEU A 173 15.02 -5.39 21.97
N HIS A 174 14.81 -6.68 22.24
CA HIS A 174 15.75 -7.67 21.71
C HIS A 174 14.99 -8.36 20.56
N TRP A 175 15.71 -8.80 19.52
CA TRP A 175 15.02 -9.40 18.37
C TRP A 175 14.00 -10.45 18.72
N SER A 176 12.88 -10.36 18.03
CA SER A 176 11.81 -11.31 18.19
C SER A 176 11.07 -11.17 16.86
N PRO A 177 10.18 -12.10 16.53
CA PRO A 177 9.42 -12.05 15.26
C PRO A 177 8.54 -10.84 14.98
N GLN A 178 7.94 -10.25 16.01
CA GLN A 178 7.08 -9.09 15.77
C GLN A 178 7.82 -7.78 16.06
N ASP A 179 9.03 -7.89 16.61
CA ASP A 179 9.81 -6.70 16.93
C ASP A 179 11.09 -6.83 16.13
N SER A 180 11.03 -6.44 14.87
CA SER A 180 12.18 -6.46 13.95
C SER A 180 11.66 -6.38 12.53
N LEU A 181 12.55 -6.07 11.59
CA LEU A 181 12.19 -6.02 10.17
C LEU A 181 10.90 -5.27 9.86
N TYR A 182 10.66 -4.14 10.51
CA TYR A 182 9.44 -3.40 10.26
C TYR A 182 9.31 -2.91 8.82
N GLY A 183 10.36 -2.27 8.31
CA GLY A 183 10.34 -1.74 6.96
C GLY A 183 10.27 -2.79 5.89
N SER A 184 11.05 -3.86 6.05
CA SER A 184 11.06 -4.89 5.02
C SER A 184 9.80 -5.76 5.02
N ARG A 185 9.27 -6.06 6.20
CA ARG A 185 8.04 -6.86 6.22
C ARG A 185 6.96 -6.05 5.51
N HIS A 186 6.91 -4.75 5.79
CA HIS A 186 5.90 -3.92 5.17
C HIS A 186 6.09 -3.77 3.68
N LEU A 187 7.31 -3.49 3.25
CA LEU A 187 7.53 -3.27 1.83
C LEU A 187 7.40 -4.53 0.99
N ALA A 188 7.84 -5.67 1.51
CA ALA A 188 7.72 -6.92 0.75
C ALA A 188 6.24 -7.23 0.54
N ALA A 189 5.44 -7.00 1.57
CA ALA A 189 4.00 -7.26 1.43
C ALA A 189 3.38 -6.30 0.42
N LYS A 190 3.81 -5.04 0.48
CA LYS A 190 3.28 -4.04 -0.44
C LYS A 190 3.67 -4.36 -1.89
N MET A 191 4.95 -4.69 -2.09
CA MET A 191 5.40 -5.01 -3.45
C MET A 191 4.73 -6.29 -3.99
N ALA A 192 4.48 -7.26 -3.13
CA ALA A 192 3.85 -8.54 -3.54
C ALA A 192 2.43 -8.31 -4.00
N SER A 193 1.82 -7.25 -3.48
CA SER A 193 0.44 -6.95 -3.83
C SER A 193 0.28 -5.77 -4.79
N THR A 194 1.38 -5.38 -5.44
CA THR A 194 1.31 -4.28 -6.40
C THR A 194 1.57 -4.82 -7.82
N PRO A 195 0.57 -4.70 -8.73
CA PRO A 195 0.84 -5.21 -10.09
C PRO A 195 2.01 -4.52 -10.75
N HIS A 196 2.77 -5.29 -11.52
CA HIS A 196 3.91 -4.75 -12.24
C HIS A 196 4.15 -5.59 -13.48
N PRO A 197 4.39 -4.94 -14.63
CA PRO A 197 4.42 -3.49 -14.80
C PRO A 197 2.99 -2.93 -14.67
N PRO A 198 2.84 -1.60 -14.65
CA PRO A 198 1.53 -0.97 -14.52
C PRO A 198 0.54 -1.61 -15.49
N GLY A 199 -0.63 -1.99 -14.98
CA GLY A 199 -1.65 -2.60 -15.80
C GLY A 199 -1.64 -4.13 -15.88
N ALA A 200 -0.61 -4.75 -15.31
CA ALA A 200 -0.51 -6.19 -15.37
C ALA A 200 -1.65 -6.91 -14.67
N ARG A 201 -2.01 -8.05 -15.23
CA ARG A 201 -3.06 -8.89 -14.69
C ARG A 201 -2.64 -9.83 -13.57
N GLY A 202 -1.42 -10.38 -13.65
CA GLY A 202 -1.05 -11.38 -12.68
C GLY A 202 0.38 -11.45 -12.19
N THR A 203 1.13 -10.38 -12.44
CA THR A 203 2.51 -10.32 -11.98
C THR A 203 2.65 -9.13 -11.06
N SER A 204 3.57 -9.24 -10.09
CA SER A 204 3.75 -8.18 -9.11
C SER A 204 5.14 -7.56 -9.18
N GLN A 205 5.33 -6.54 -8.35
CA GLN A 205 6.65 -5.92 -8.28
C GLN A 205 7.67 -6.96 -7.80
N LEU A 206 7.25 -7.97 -7.02
CA LEU A 206 8.21 -8.99 -6.60
C LEU A 206 8.64 -9.87 -7.77
N HIS A 207 7.75 -10.13 -8.71
CA HIS A 207 8.16 -10.90 -9.85
C HIS A 207 9.23 -10.14 -10.63
N GLY A 208 9.15 -8.81 -10.55
CA GLY A 208 10.10 -7.95 -11.24
C GLY A 208 11.45 -7.84 -10.52
N MET A 209 11.53 -8.33 -9.30
CA MET A 209 12.81 -8.24 -8.57
C MET A 209 13.74 -9.37 -9.00
N ASP A 210 14.70 -9.06 -9.87
CA ASP A 210 15.58 -10.08 -10.40
C ASP A 210 16.38 -10.76 -9.29
N LEU A 211 16.89 -9.91 -8.41
CA LEU A 211 17.80 -10.36 -7.38
C LEU A 211 17.87 -9.25 -6.36
N LEU A 212 17.81 -9.63 -5.08
CA LEU A 212 17.90 -8.67 -4.00
C LEU A 212 19.28 -8.84 -3.38
N VAL A 213 20.15 -7.84 -3.54
CA VAL A 213 21.51 -7.90 -2.98
C VAL A 213 21.45 -7.04 -1.72
N LEU A 214 21.47 -7.70 -0.58
CA LEU A 214 21.31 -7.00 0.71
C LEU A 214 22.65 -6.90 1.43
N LEU A 215 23.10 -5.67 1.65
CA LEU A 215 24.35 -5.41 2.35
C LEU A 215 24.08 -5.16 3.82
N ASP A 216 24.84 -5.82 4.71
CA ASP A 216 24.64 -5.56 6.15
C ASP A 216 25.93 -5.91 6.87
N LEU A 217 26.25 -5.14 7.92
CA LEU A 217 27.42 -5.38 8.78
C LEU A 217 28.73 -5.40 8.01
N ILE A 218 28.90 -4.41 7.14
CA ILE A 218 30.11 -4.32 6.34
C ILE A 218 30.91 -3.14 6.85
N GLY A 219 32.23 -3.35 6.91
CA GLY A 219 33.11 -2.29 7.35
C GLY A 219 34.18 -2.73 8.33
N ALA A 220 34.07 -3.93 8.88
CA ALA A 220 35.11 -4.42 9.81
C ALA A 220 36.19 -5.13 8.99
N PRO A 221 37.36 -5.40 9.63
CA PRO A 221 38.45 -6.10 8.95
C PRO A 221 38.14 -7.59 8.66
N ASN A 222 38.71 -8.10 7.58
CA ASN A 222 38.60 -9.50 7.27
C ASN A 222 37.24 -10.13 7.21
N PRO A 223 36.30 -9.48 6.52
CA PRO A 223 34.96 -10.09 6.44
C PRO A 223 34.97 -11.41 5.60
N THR A 224 34.14 -12.38 5.95
CA THR A 224 34.04 -13.58 5.13
C THR A 224 32.55 -13.74 4.89
N PHE A 225 32.13 -13.66 3.62
CA PHE A 225 30.73 -13.76 3.26
C PHE A 225 30.43 -15.19 2.76
N PRO A 226 29.44 -15.88 3.36
CA PRO A 226 29.06 -17.23 2.97
C PRO A 226 28.19 -17.19 1.73
N ASN A 227 28.19 -18.28 0.98
CA ASN A 227 27.33 -18.43 -0.22
C ASN A 227 26.06 -19.10 0.36
N PHE A 228 25.12 -18.28 0.83
CA PHE A 228 23.92 -18.79 1.49
C PHE A 228 22.88 -19.58 0.73
N PHE A 229 22.59 -19.19 -0.52
CA PHE A 229 21.46 -19.79 -1.22
C PHE A 229 21.77 -20.37 -2.58
N PRO A 230 21.27 -21.59 -2.86
CA PRO A 230 21.54 -22.20 -4.16
C PRO A 230 21.02 -21.42 -5.33
N ASN A 231 19.91 -20.70 -5.15
CA ASN A 231 19.39 -20.00 -6.30
C ASN A 231 20.06 -18.68 -6.62
N SER A 232 21.08 -18.31 -5.84
CA SER A 232 21.86 -17.12 -6.20
C SER A 232 23.34 -17.49 -6.20
N ALA A 233 23.63 -18.79 -6.05
CA ALA A 233 25.04 -19.23 -6.01
C ALA A 233 25.83 -18.79 -7.23
N ARG A 234 25.21 -18.78 -8.41
CA ARG A 234 25.97 -18.39 -9.58
C ARG A 234 26.35 -16.91 -9.51
N TRP A 235 25.58 -16.11 -8.77
CA TRP A 235 25.92 -14.69 -8.67
C TRP A 235 26.99 -14.52 -7.59
N PHE A 236 26.94 -15.37 -6.57
CA PHE A 236 27.99 -15.34 -5.54
C PHE A 236 29.31 -15.68 -6.26
N GLU A 237 29.28 -16.66 -7.17
CA GLU A 237 30.50 -17.04 -7.91
C GLU A 237 31.04 -15.87 -8.75
N ARG A 238 30.13 -15.03 -9.28
CA ARG A 238 30.60 -13.87 -10.03
C ARG A 238 31.33 -12.92 -9.08
N LEU A 239 30.81 -12.74 -7.86
CA LEU A 239 31.50 -11.84 -6.92
C LEU A 239 32.89 -12.43 -6.67
N GLN A 240 32.98 -13.75 -6.54
CA GLN A 240 34.28 -14.38 -6.32
C GLN A 240 35.22 -14.12 -7.47
N ALA A 241 34.69 -14.21 -8.68
CA ALA A 241 35.51 -14.01 -9.88
C ALA A 241 35.98 -12.57 -10.04
N ILE A 242 35.08 -11.64 -9.74
CA ILE A 242 35.38 -10.22 -9.80
C ILE A 242 36.47 -9.90 -8.76
N GLU A 243 36.28 -10.39 -7.53
CA GLU A 243 37.30 -10.13 -6.51
C GLU A 243 38.65 -10.70 -6.97
N HIS A 244 38.62 -11.88 -7.54
CA HIS A 244 39.84 -12.51 -7.95
C HIS A 244 40.55 -11.71 -9.05
N GLU A 245 39.79 -11.28 -10.05
CA GLU A 245 40.41 -10.54 -11.15
C GLU A 245 40.89 -9.18 -10.73
N LEU A 246 40.09 -8.45 -9.94
CA LEU A 246 40.52 -7.14 -9.46
C LEU A 246 41.80 -7.35 -8.63
N HIS A 247 41.84 -8.42 -7.84
CA HIS A 247 43.06 -8.72 -7.06
C HIS A 247 44.26 -8.92 -8.02
N GLU A 248 44.10 -9.82 -9.00
CA GLU A 248 45.21 -10.12 -9.93
C GLU A 248 45.74 -8.92 -10.70
N LEU A 249 44.85 -7.98 -11.00
CA LEU A 249 45.21 -6.75 -11.72
C LEU A 249 45.83 -5.68 -10.82
N GLY A 250 46.01 -6.02 -9.54
CA GLY A 250 46.59 -5.07 -8.58
C GLY A 250 45.70 -3.89 -8.30
N LEU A 251 44.39 -4.13 -8.35
CA LEU A 251 43.43 -3.05 -8.15
C LEU A 251 42.79 -3.03 -6.75
N LEU A 252 43.19 -3.95 -5.88
CA LEU A 252 42.66 -3.93 -4.51
C LEU A 252 43.80 -3.47 -3.58
N LYS A 253 43.43 -3.02 -2.38
CA LYS A 253 44.41 -2.52 -1.42
C LYS A 253 44.49 -3.41 -0.19
N ASP A 254 45.72 -3.72 0.24
CA ASP A 254 45.93 -4.56 1.46
C ASP A 254 45.02 -5.79 1.37
N HIS A 255 45.19 -6.54 0.30
CA HIS A 255 44.31 -7.68 0.03
C HIS A 255 45.09 -8.90 -0.45
N SER A 256 44.73 -10.08 0.08
CA SER A 256 45.35 -11.33 -0.38
C SER A 256 44.26 -12.34 -0.69
N LEU A 257 44.54 -13.29 -1.57
CA LEU A 257 43.56 -14.33 -1.90
C LEU A 257 43.30 -15.25 -0.71
N GLU A 258 44.32 -15.53 0.10
CA GLU A 258 44.10 -16.36 1.28
C GLU A 258 43.09 -15.67 2.19
N GLY A 259 43.14 -14.33 2.23
CA GLY A 259 42.23 -13.55 3.06
C GLY A 259 41.11 -12.92 2.24
N ARG A 260 40.67 -13.62 1.18
CA ARG A 260 39.61 -13.07 0.32
C ARG A 260 38.30 -12.98 1.11
N TYR A 261 37.37 -12.18 0.59
CA TYR A 261 36.09 -11.98 1.24
C TYR A 261 35.03 -12.99 0.85
N PHE A 262 35.05 -13.46 -0.39
CA PHE A 262 34.04 -14.41 -0.87
C PHE A 262 34.71 -15.77 -0.98
N GLN A 263 34.60 -16.56 0.07
CA GLN A 263 35.26 -17.84 0.05
C GLN A 263 34.33 -18.96 -0.36
N ASN A 264 34.91 -20.11 -0.66
CA ASN A 264 34.15 -21.28 -1.05
C ASN A 264 33.60 -21.92 0.21
N TYR A 265 32.40 -21.52 0.62
CA TYR A 265 31.74 -22.09 1.78
C TYR A 265 30.34 -21.54 1.98
N SER A 266 29.43 -22.43 2.35
CA SER A 266 28.04 -22.07 2.54
C SER A 266 27.71 -21.98 4.02
N TYR A 267 26.49 -21.53 4.29
CA TYR A 267 26.01 -21.39 5.64
C TYR A 267 24.60 -21.95 5.58
N GLY A 268 24.39 -23.09 6.25
CA GLY A 268 23.10 -23.74 6.24
C GLY A 268 22.12 -23.20 7.26
N GLY A 269 22.58 -22.30 8.12
CA GLY A 269 21.70 -21.73 9.13
C GLY A 269 20.90 -20.56 8.59
N VAL A 270 19.98 -20.05 9.39
CA VAL A 270 19.20 -18.92 8.93
C VAL A 270 19.57 -17.65 9.69
N ILE A 271 19.93 -16.61 8.95
CA ILE A 271 20.27 -15.33 9.60
C ILE A 271 19.14 -14.37 9.29
N GLN A 272 18.41 -13.96 10.32
CA GLN A 272 17.29 -13.06 10.13
C GLN A 272 17.80 -11.66 9.74
N ASP A 273 17.20 -11.12 8.70
CA ASP A 273 17.54 -9.79 8.21
C ASP A 273 16.43 -9.38 7.23
N ASP A 274 16.60 -8.19 6.66
CA ASP A 274 15.62 -7.61 5.73
C ASP A 274 15.28 -8.44 4.51
N HIS A 275 16.13 -9.41 4.16
CA HIS A 275 15.82 -10.21 2.98
C HIS A 275 14.74 -11.27 3.26
N ILE A 276 14.52 -11.57 4.53
CA ILE A 276 13.56 -12.63 4.88
C ILE A 276 12.15 -12.49 4.29
N PRO A 277 11.50 -11.33 4.43
CA PRO A 277 10.15 -11.22 3.86
C PRO A 277 10.11 -11.34 2.35
N PHE A 278 11.26 -11.09 1.71
CA PHE A 278 11.34 -11.20 0.26
C PHE A 278 11.63 -12.65 -0.13
N LEU A 279 12.60 -13.26 0.58
CA LEU A 279 12.99 -14.64 0.32
C LEU A 279 11.79 -15.57 0.53
N ARG A 280 11.01 -15.33 1.58
CA ARG A 280 9.87 -16.23 1.82
C ARG A 280 8.76 -16.06 0.80
N ARG A 281 8.88 -15.05 -0.06
CA ARG A 281 7.91 -14.84 -1.12
C ARG A 281 8.52 -15.20 -2.48
N GLY A 282 9.68 -15.86 -2.43
CA GLY A 282 10.35 -16.34 -3.64
C GLY A 282 11.36 -15.48 -4.37
N VAL A 283 11.75 -14.35 -3.79
CA VAL A 283 12.70 -13.50 -4.45
C VAL A 283 14.11 -14.06 -4.23
N PRO A 284 14.94 -14.15 -5.28
CA PRO A 284 16.31 -14.66 -5.14
C PRO A 284 17.09 -13.57 -4.36
N VAL A 285 17.88 -14.01 -3.39
CA VAL A 285 18.64 -13.08 -2.55
C VAL A 285 20.12 -13.39 -2.55
N LEU A 286 20.96 -12.36 -2.63
CA LEU A 286 22.40 -12.49 -2.45
C LEU A 286 22.59 -11.68 -1.14
N HIS A 287 22.84 -12.38 -0.03
CA HIS A 287 22.93 -11.74 1.27
C HIS A 287 24.37 -11.45 1.61
N LEU A 288 24.76 -10.20 1.40
CA LEU A 288 26.14 -9.79 1.69
C LEU A 288 26.27 -9.34 3.14
N ILE A 289 26.26 -10.34 4.02
CA ILE A 289 26.44 -10.12 5.46
C ILE A 289 27.55 -11.11 5.81
N PRO A 290 28.54 -10.67 6.59
CA PRO A 290 29.60 -11.60 6.92
C PRO A 290 29.27 -12.57 8.05
N SER A 291 29.99 -13.69 8.06
CA SER A 291 29.84 -14.65 9.17
C SER A 291 31.25 -15.10 9.49
N PRO A 292 31.72 -14.84 10.72
CA PRO A 292 31.02 -14.18 11.83
C PRO A 292 30.80 -12.69 11.63
N PHE A 293 29.94 -12.15 12.48
CA PHE A 293 29.68 -10.72 12.44
C PHE A 293 30.90 -9.96 13.00
N PRO A 294 30.98 -8.64 12.74
CA PRO A 294 32.07 -7.79 13.24
C PRO A 294 32.13 -7.98 14.77
N GLU A 295 33.33 -7.98 15.33
CA GLU A 295 33.44 -8.15 16.79
C GLU A 295 32.68 -7.06 17.56
N VAL A 296 32.58 -5.87 16.98
CA VAL A 296 31.91 -4.73 17.64
C VAL A 296 30.39 -4.76 17.49
N TRP A 297 29.84 -5.81 16.88
CA TRP A 297 28.40 -5.90 16.66
C TRP A 297 27.53 -5.55 17.90
N HIS A 298 26.60 -4.63 17.71
CA HIS A 298 25.68 -4.16 18.75
C HIS A 298 26.32 -3.68 20.04
N THR A 299 27.45 -3.03 19.84
CA THR A 299 28.29 -2.49 20.89
C THR A 299 28.56 -1.00 20.53
N MET A 300 28.81 -0.13 21.53
CA MET A 300 29.09 1.27 21.23
C MET A 300 30.40 1.39 20.45
N ASP A 301 31.17 0.30 20.35
CA ASP A 301 32.40 0.34 19.57
C ASP A 301 32.14 0.13 18.08
N ASP A 302 30.87 -0.03 17.67
CA ASP A 302 30.61 -0.17 16.23
C ASP A 302 30.58 1.27 15.74
N ASN A 303 31.79 1.83 15.59
CA ASN A 303 31.95 3.23 15.26
C ASN A 303 32.93 3.49 14.12
N GLU A 304 33.19 4.77 13.86
CA GLU A 304 34.07 5.13 12.77
C GLU A 304 35.51 4.62 12.93
N GLU A 305 36.04 4.74 14.13
CA GLU A 305 37.40 4.34 14.40
C GLU A 305 37.68 2.88 14.08
N ASN A 306 36.67 2.03 14.25
CA ASN A 306 36.84 0.60 14.02
C ASN A 306 36.58 0.13 12.59
N LEU A 307 36.31 1.08 11.69
CA LEU A 307 36.08 0.69 10.30
C LEU A 307 37.44 0.49 9.62
N ASP A 308 37.44 -0.38 8.62
CA ASP A 308 38.61 -0.72 7.83
C ASP A 308 38.42 -0.10 6.45
N GLU A 309 39.09 1.03 6.26
CA GLU A 309 38.97 1.78 5.02
C GLU A 309 39.24 1.02 3.74
N SER A 310 40.38 0.36 3.66
CA SER A 310 40.70 -0.34 2.43
C SER A 310 39.75 -1.46 2.13
N THR A 311 39.18 -2.09 3.17
CA THR A 311 38.27 -3.20 2.92
C THR A 311 37.00 -2.68 2.28
N ILE A 312 36.50 -1.58 2.81
CA ILE A 312 35.31 -0.96 2.26
C ILE A 312 35.60 -0.49 0.81
N ASP A 313 36.76 0.12 0.59
CA ASP A 313 37.13 0.56 -0.77
C ASP A 313 37.13 -0.64 -1.71
N ASN A 314 37.72 -1.76 -1.29
CA ASN A 314 37.80 -2.96 -2.11
C ASN A 314 36.40 -3.49 -2.44
N LEU A 315 35.54 -3.54 -1.43
CA LEU A 315 34.16 -4.02 -1.63
C LEU A 315 33.39 -3.03 -2.54
N ASN A 316 33.67 -1.74 -2.46
CA ASN A 316 32.99 -0.78 -3.35
C ASN A 316 33.33 -1.16 -4.81
N LYS A 317 34.61 -1.43 -5.05
CA LYS A 317 35.04 -1.79 -6.39
C LYS A 317 34.38 -3.07 -6.85
N ILE A 318 34.37 -4.07 -5.98
CA ILE A 318 33.76 -5.32 -6.36
C ILE A 318 32.26 -5.21 -6.67
N LEU A 319 31.56 -4.47 -5.83
CA LEU A 319 30.12 -4.29 -5.98
C LEU A 319 29.80 -3.48 -7.23
N GLN A 320 30.57 -2.43 -7.47
CA GLN A 320 30.31 -1.63 -8.67
C GLN A 320 30.52 -2.43 -9.96
N VAL A 321 31.56 -3.27 -10.02
CA VAL A 321 31.78 -4.09 -11.18
C VAL A 321 30.59 -5.05 -11.31
N PHE A 322 30.18 -5.66 -10.19
CA PHE A 322 29.08 -6.59 -10.22
C PHE A 322 27.81 -5.96 -10.81
N VAL A 323 27.48 -4.75 -10.39
CA VAL A 323 26.29 -4.06 -10.88
C VAL A 323 26.41 -3.73 -12.36
N LEU A 324 27.56 -3.21 -12.80
CA LEU A 324 27.69 -2.91 -14.22
C LEU A 324 27.60 -4.19 -15.07
N GLU A 325 28.22 -5.27 -14.62
CA GLU A 325 28.16 -6.50 -15.39
C GLU A 325 26.74 -7.03 -15.43
N TYR A 326 26.00 -6.88 -14.33
CA TYR A 326 24.62 -7.36 -14.30
C TYR A 326 23.76 -6.56 -15.26
N LEU A 327 23.92 -5.25 -15.28
CA LEU A 327 23.13 -4.39 -16.13
C LEU A 327 23.63 -4.25 -17.56
N HIS A 328 24.76 -4.87 -17.88
CA HIS A 328 25.37 -4.77 -19.21
C HIS A 328 25.74 -3.31 -19.49
N LEU A 329 26.38 -2.65 -18.53
CA LEU A 329 26.82 -1.26 -18.68
C LEU A 329 28.33 -1.11 -18.65
N ALA B 1 -1.59 10.78 22.05
CA ALA B 1 -2.78 11.00 22.92
C ALA B 1 -3.76 11.95 22.25
N SER B 2 -3.87 11.82 20.93
CA SER B 2 -4.78 12.65 20.17
C SER B 2 -6.23 12.43 20.61
N ALA B 3 -6.96 13.52 20.75
CA ALA B 3 -8.34 13.41 21.16
C ALA B 3 -9.28 13.29 19.97
N TRP B 4 -8.86 13.75 18.79
CA TRP B 4 -9.78 13.71 17.65
C TRP B 4 -10.41 12.35 17.30
N PRO B 5 -9.69 11.22 17.49
CA PRO B 5 -10.36 9.95 17.13
C PRO B 5 -11.56 9.61 18.00
N GLU B 6 -11.72 10.32 19.11
CA GLU B 6 -12.82 10.03 20.02
C GLU B 6 -14.05 10.88 19.68
N GLU B 7 -13.86 11.92 18.89
CA GLU B 7 -14.95 12.83 18.56
C GLU B 7 -16.19 12.13 18.02
N LYS B 8 -15.99 11.07 17.24
CA LYS B 8 -17.14 10.34 16.70
C LYS B 8 -18.11 9.84 17.76
N ASN B 9 -17.63 9.53 18.97
CA ASN B 9 -18.50 9.06 20.04
C ASN B 9 -19.51 10.11 20.49
N TYR B 10 -19.16 11.39 20.37
CA TYR B 10 -20.03 12.48 20.81
C TYR B 10 -20.65 13.27 19.68
N HIS B 11 -20.29 12.95 18.45
CA HIS B 11 -20.79 13.72 17.31
C HIS B 11 -22.31 13.64 17.22
N GLN B 12 -22.97 14.78 17.00
CA GLN B 12 -24.44 14.84 16.89
C GLN B 12 -24.83 15.43 15.54
N PRO B 13 -26.01 15.04 15.02
CA PRO B 13 -26.42 15.61 13.73
C PRO B 13 -27.00 17.02 13.91
N ALA B 14 -27.04 17.79 12.82
CA ALA B 14 -27.66 19.12 12.80
C ALA B 14 -28.91 18.86 11.93
N ILE B 15 -30.02 18.63 12.61
CA ILE B 15 -31.27 18.27 11.95
C ILE B 15 -31.88 19.32 11.02
N LEU B 16 -32.36 18.86 9.86
CA LEU B 16 -32.94 19.77 8.88
C LEU B 16 -34.41 20.06 9.19
N ASN B 17 -34.82 21.32 9.04
CA ASN B 17 -36.20 21.67 9.29
C ASN B 17 -37.03 21.32 8.05
N SER B 18 -38.35 21.43 8.16
CA SER B 18 -39.28 21.11 7.07
C SER B 18 -38.91 21.71 5.72
N SER B 19 -38.58 23.00 5.72
CA SER B 19 -38.21 23.68 4.48
C SER B 19 -36.98 23.07 3.81
N ALA B 20 -35.96 22.81 4.62
CA ALA B 20 -34.72 22.23 4.10
C ALA B 20 -35.00 20.82 3.56
N LEU B 21 -35.87 20.09 4.23
CA LEU B 21 -36.24 18.74 3.81
C LEU B 21 -36.94 18.79 2.45
N ARG B 22 -37.80 19.79 2.25
CA ARG B 22 -38.50 19.90 0.97
C ARG B 22 -37.47 20.16 -0.09
N GLN B 23 -36.49 21.00 0.24
CA GLN B 23 -35.44 21.34 -0.71
C GLN B 23 -34.67 20.08 -1.13
N ILE B 24 -34.32 19.24 -0.17
CA ILE B 24 -33.59 18.03 -0.48
C ILE B 24 -34.43 17.11 -1.35
N ALA B 25 -35.70 16.94 -1.00
CA ALA B 25 -36.57 16.06 -1.78
C ALA B 25 -36.66 16.55 -3.23
N GLU B 26 -36.69 17.86 -3.43
CA GLU B 26 -36.77 18.42 -4.77
C GLU B 26 -35.44 18.45 -5.52
N GLY B 27 -34.34 18.42 -4.75
CA GLY B 27 -33.02 18.49 -5.34
C GLY B 27 -32.47 17.23 -5.97
N THR B 28 -33.12 16.10 -5.75
CA THR B 28 -32.64 14.83 -6.32
C THR B 28 -33.57 14.36 -7.45
N SER B 29 -32.98 13.81 -8.50
CA SER B 29 -33.75 13.34 -9.63
C SER B 29 -33.51 11.87 -9.95
N ILE B 30 -34.49 11.02 -9.63
CA ILE B 30 -34.36 9.59 -9.87
C ILE B 30 -34.26 9.29 -11.37
N SER B 31 -34.90 10.11 -12.23
CA SER B 31 -34.80 9.82 -13.66
C SER B 31 -33.42 10.19 -14.19
N GLU B 32 -32.81 11.25 -13.65
CA GLU B 32 -31.49 11.62 -14.12
C GLU B 32 -30.49 10.58 -13.59
N MET B 33 -30.69 10.11 -12.37
CA MET B 33 -29.77 9.09 -11.84
C MET B 33 -29.89 7.83 -12.72
N TRP B 34 -31.12 7.46 -13.04
CA TRP B 34 -31.36 6.27 -13.85
C TRP B 34 -30.60 6.30 -15.17
N GLN B 35 -30.78 7.38 -15.92
CA GLN B 35 -30.13 7.49 -17.21
C GLN B 35 -28.64 7.74 -17.19
N ASN B 36 -28.22 8.64 -16.30
CA ASN B 36 -26.84 9.06 -16.32
C ASN B 36 -25.87 8.33 -15.43
N ASP B 37 -26.37 7.81 -14.32
CA ASP B 37 -25.49 7.12 -13.37
C ASP B 37 -25.68 5.61 -13.30
N LEU B 38 -26.94 5.15 -13.39
CA LEU B 38 -27.24 3.74 -13.26
C LEU B 38 -27.09 2.91 -14.53
N GLN B 39 -27.72 3.34 -15.62
CA GLN B 39 -27.66 2.51 -16.80
C GLN B 39 -26.27 2.12 -17.30
N PRO B 40 -25.28 3.03 -17.26
CA PRO B 40 -23.94 2.66 -17.74
C PRO B 40 -23.31 1.55 -16.89
N LEU B 41 -23.82 1.34 -15.68
CA LEU B 41 -23.28 0.31 -14.78
C LEU B 41 -23.96 -1.05 -14.89
N LEU B 42 -25.07 -1.13 -15.63
CA LEU B 42 -25.80 -2.37 -15.75
C LEU B 42 -25.16 -3.20 -16.85
N ILE B 43 -23.93 -3.60 -16.56
CA ILE B 43 -23.12 -4.38 -17.47
C ILE B 43 -22.32 -5.43 -16.70
N GLU B 44 -21.85 -6.44 -17.41
CA GLU B 44 -21.00 -7.48 -16.80
C GLU B 44 -19.70 -6.78 -16.38
N ARG B 45 -19.40 -6.82 -15.08
CA ARG B 45 -18.23 -6.10 -14.59
C ARG B 45 -17.51 -6.81 -13.42
N TYR B 46 -17.25 -8.09 -13.64
CA TYR B 46 -16.51 -8.84 -12.63
C TYR B 46 -15.06 -8.37 -12.68
N PRO B 47 -14.30 -8.60 -11.59
CA PRO B 47 -12.90 -8.14 -11.55
C PRO B 47 -12.01 -8.55 -12.72
N GLY B 48 -11.34 -7.56 -13.31
CA GLY B 48 -10.44 -7.83 -14.44
C GLY B 48 -11.10 -7.84 -15.82
N SER B 49 -12.43 -7.76 -15.84
CA SER B 49 -13.17 -7.74 -17.13
C SER B 49 -13.18 -6.31 -17.72
N PRO B 50 -13.52 -6.19 -19.02
CA PRO B 50 -13.55 -4.85 -19.59
C PRO B 50 -14.63 -4.01 -18.91
N GLY B 51 -15.70 -4.67 -18.44
CA GLY B 51 -16.79 -3.96 -17.80
C GLY B 51 -16.31 -3.34 -16.49
N SER B 52 -15.36 -4.01 -15.85
CA SER B 52 -14.83 -3.45 -14.58
C SER B 52 -14.15 -2.11 -14.90
N TYR B 53 -13.29 -2.08 -15.90
CA TYR B 53 -12.60 -0.83 -16.25
C TYR B 53 -13.61 0.24 -16.73
N ALA B 54 -14.61 -0.19 -17.48
CA ALA B 54 -15.64 0.74 -17.98
C ALA B 54 -16.41 1.35 -16.81
N ALA B 55 -16.74 0.52 -15.83
CA ALA B 55 -17.50 0.98 -14.66
C ALA B 55 -16.63 1.98 -13.89
N ARG B 56 -15.35 1.65 -13.73
CA ARG B 56 -14.42 2.55 -13.01
C ARG B 56 -14.32 3.89 -13.74
N GLN B 57 -14.19 3.85 -15.05
CA GLN B 57 -14.11 5.09 -15.82
C GLN B 57 -15.35 5.95 -15.66
N HIS B 58 -16.51 5.30 -15.69
CA HIS B 58 -17.81 5.96 -15.54
C HIS B 58 -17.90 6.63 -14.17
N ILE B 59 -17.60 5.86 -13.12
CA ILE B 59 -17.69 6.41 -11.77
C ILE B 59 -16.74 7.60 -11.66
N MET B 60 -15.51 7.44 -12.13
CA MET B 60 -14.55 8.54 -12.05
C MET B 60 -15.01 9.76 -12.84
N GLN B 61 -15.52 9.53 -14.05
CA GLN B 61 -15.95 10.68 -14.86
C GLN B 61 -17.16 11.41 -14.25
N ARG B 62 -18.11 10.67 -13.70
CA ARG B 62 -19.28 11.32 -13.11
C ARG B 62 -18.89 12.13 -11.87
N ILE B 63 -17.86 11.70 -11.16
CA ILE B 63 -17.43 12.46 -9.99
C ILE B 63 -16.60 13.69 -10.43
N GLN B 64 -15.73 13.50 -11.41
CA GLN B 64 -14.87 14.59 -11.89
C GLN B 64 -15.59 15.80 -12.48
N ARG B 65 -16.80 15.59 -12.96
CA ARG B 65 -17.56 16.69 -13.56
C ARG B 65 -18.26 17.59 -12.54
N LEU B 66 -18.31 17.16 -11.28
CA LEU B 66 -18.95 17.92 -10.22
C LEU B 66 -18.08 19.09 -9.77
N GLN B 67 -18.70 20.08 -9.15
CA GLN B 67 -17.96 21.25 -8.68
C GLN B 67 -17.17 21.01 -7.40
N ALA B 68 -17.74 20.22 -6.48
CA ALA B 68 -17.04 19.97 -5.22
C ALA B 68 -15.63 19.44 -5.51
N ASP B 69 -14.70 19.67 -4.57
CA ASP B 69 -13.30 19.32 -4.75
C ASP B 69 -12.94 17.86 -4.45
N TRP B 70 -13.57 16.95 -5.17
CA TRP B 70 -13.31 15.53 -4.94
C TRP B 70 -11.92 15.11 -5.38
N VAL B 71 -11.24 14.32 -4.54
CA VAL B 71 -9.91 13.79 -4.88
C VAL B 71 -10.06 12.28 -5.09
N LEU B 72 -9.74 11.83 -6.30
CA LEU B 72 -9.85 10.42 -6.65
C LEU B 72 -8.56 9.66 -6.54
N GLU B 73 -8.64 8.50 -5.89
CA GLU B 73 -7.49 7.64 -5.75
C GLU B 73 -7.94 6.26 -6.22
N ILE B 74 -7.22 5.69 -7.17
CA ILE B 74 -7.52 4.33 -7.65
C ILE B 74 -6.52 3.44 -6.90
N ASP B 75 -7.04 2.53 -6.07
CA ASP B 75 -6.23 1.64 -5.24
C ASP B 75 -6.18 0.27 -5.91
N THR B 76 -5.14 0.08 -6.73
CA THR B 76 -4.96 -1.12 -7.53
C THR B 76 -3.99 -2.06 -6.84
N PHE B 77 -4.40 -3.31 -6.70
CA PHE B 77 -3.60 -4.30 -6.02
C PHE B 77 -3.79 -5.67 -6.61
N LEU B 78 -2.87 -6.57 -6.28
CA LEU B 78 -2.88 -7.92 -6.79
C LEU B 78 -3.22 -8.85 -5.62
N SER B 79 -4.12 -9.81 -5.85
CA SER B 79 -4.47 -10.77 -4.84
C SER B 79 -4.64 -12.16 -5.44
N GLN B 80 -4.34 -13.16 -4.64
CA GLN B 80 -4.52 -14.52 -5.05
C GLN B 80 -6.02 -14.86 -5.06
N THR B 81 -6.46 -15.58 -6.08
CA THR B 81 -7.86 -16.02 -6.19
C THR B 81 -7.89 -17.49 -6.60
N PRO B 82 -9.09 -18.12 -6.65
CA PRO B 82 -9.17 -19.52 -7.05
C PRO B 82 -8.69 -19.71 -8.48
N TYR B 83 -8.53 -18.60 -9.21
CA TYR B 83 -8.09 -18.65 -10.60
C TYR B 83 -6.71 -18.05 -10.77
N GLY B 84 -5.96 -17.97 -9.67
CA GLY B 84 -4.64 -17.36 -9.78
C GLY B 84 -4.60 -15.91 -9.37
N TYR B 85 -3.43 -15.29 -9.51
CA TYR B 85 -3.33 -13.88 -9.12
C TYR B 85 -4.14 -13.03 -10.09
N ARG B 86 -4.86 -12.05 -9.55
CA ARG B 86 -5.66 -11.12 -10.35
C ARG B 86 -5.52 -9.71 -9.79
N SER B 87 -5.75 -8.72 -10.65
CA SER B 87 -5.67 -7.32 -10.26
C SER B 87 -7.07 -6.82 -9.98
N PHE B 88 -7.15 -5.95 -8.98
CA PHE B 88 -8.40 -5.37 -8.48
C PHE B 88 -8.15 -3.89 -8.30
N SER B 89 -9.18 -3.06 -8.42
CA SER B 89 -8.96 -1.62 -8.23
C SER B 89 -10.09 -0.99 -7.42
N ASN B 90 -9.83 -0.60 -6.17
CA ASN B 90 -10.87 0.11 -5.43
C ASN B 90 -10.88 1.54 -5.92
N ILE B 91 -12.04 2.19 -5.82
CA ILE B 91 -12.15 3.59 -6.20
C ILE B 91 -12.45 4.37 -4.93
N ILE B 92 -11.63 5.37 -4.62
CA ILE B 92 -11.87 6.15 -3.39
C ILE B 92 -11.96 7.61 -3.82
N SER B 93 -13.04 8.26 -3.41
CA SER B 93 -13.29 9.64 -3.78
C SER B 93 -13.41 10.41 -2.47
N THR B 94 -12.51 11.35 -2.24
CA THR B 94 -12.51 12.02 -0.95
C THR B 94 -12.58 13.53 -1.00
N LEU B 95 -13.41 14.12 -0.14
CA LEU B 95 -13.43 15.58 -0.01
C LEU B 95 -12.50 15.87 1.19
N ASN B 96 -11.59 16.83 1.03
CA ASN B 96 -10.67 17.19 2.14
C ASN B 96 -9.87 15.97 2.65
N PRO B 97 -8.94 15.46 1.81
CA PRO B 97 -8.11 14.29 2.12
C PRO B 97 -7.41 14.39 3.47
N THR B 98 -7.03 15.62 3.82
CA THR B 98 -6.33 15.87 5.06
C THR B 98 -7.22 16.09 6.27
N ALA B 99 -8.52 16.29 6.06
CA ALA B 99 -9.45 16.47 7.17
C ALA B 99 -9.20 15.25 8.05
N LYS B 100 -9.27 15.40 9.36
CA LYS B 100 -8.98 14.24 10.23
C LYS B 100 -10.05 13.16 10.18
N ARG B 101 -11.30 13.58 10.12
CA ARG B 101 -12.43 12.65 10.14
C ARG B 101 -13.26 12.66 8.87
N HIS B 102 -13.81 11.49 8.51
CA HIS B 102 -14.71 11.45 7.36
C HIS B 102 -15.84 10.51 7.65
N LEU B 103 -17.01 10.89 7.16
CA LEU B 103 -18.17 10.03 7.19
C LEU B 103 -17.88 9.25 5.88
N VAL B 104 -18.05 7.94 5.88
CA VAL B 104 -17.72 7.17 4.67
C VAL B 104 -18.95 6.43 4.17
N LEU B 105 -19.28 6.61 2.88
CA LEU B 105 -20.41 5.90 2.26
C LEU B 105 -19.72 4.96 1.29
N ALA B 106 -20.19 3.72 1.21
CA ALA B 106 -19.51 2.78 0.35
C ALA B 106 -20.45 1.73 -0.20
N CYS B 107 -19.95 1.05 -1.23
CA CYS B 107 -20.69 -0.08 -1.83
C CYS B 107 -19.64 -0.83 -2.66
N HIS B 108 -20.03 -1.95 -3.28
CA HIS B 108 -19.09 -2.64 -4.14
C HIS B 108 -19.52 -2.39 -5.62
N TYR B 109 -18.54 -2.16 -6.50
CA TYR B 109 -18.90 -1.94 -7.91
C TYR B 109 -18.66 -3.13 -8.83
N ASP B 110 -18.07 -4.22 -8.32
CA ASP B 110 -17.91 -5.38 -9.17
C ASP B 110 -19.24 -6.12 -9.23
N SER B 111 -19.41 -6.94 -10.28
CA SER B 111 -20.59 -7.80 -10.33
C SER B 111 -20.00 -9.21 -10.22
N LYS B 112 -20.77 -10.12 -9.63
CA LYS B 112 -20.31 -11.50 -9.43
C LYS B 112 -20.05 -12.21 -10.75
N TYR B 113 -18.94 -12.93 -10.80
CA TYR B 113 -18.55 -13.70 -11.98
C TYR B 113 -19.47 -14.91 -12.13
N PHE B 114 -20.17 -14.95 -13.27
CA PHE B 114 -21.07 -16.09 -13.58
C PHE B 114 -20.94 -16.45 -15.06
N SER B 115 -21.19 -17.70 -15.39
CA SER B 115 -21.19 -18.08 -16.80
C SER B 115 -22.49 -17.46 -17.31
N HIS B 116 -22.68 -17.44 -18.62
CA HIS B 116 -23.89 -16.85 -19.16
C HIS B 116 -25.12 -17.80 -19.19
N TRP B 117 -25.64 -18.10 -18.02
CA TRP B 117 -26.78 -19.00 -17.90
C TRP B 117 -27.99 -18.60 -18.76
N ASN B 118 -28.49 -19.56 -19.53
CA ASN B 118 -29.64 -19.31 -20.42
C ASN B 118 -29.38 -18.14 -21.34
N ASN B 119 -28.11 -17.96 -21.69
CA ASN B 119 -27.66 -16.89 -22.56
C ASN B 119 -27.97 -15.49 -22.02
N ARG B 120 -27.95 -15.38 -20.71
CA ARG B 120 -28.21 -14.09 -20.05
C ARG B 120 -26.93 -13.74 -19.35
N VAL B 121 -26.77 -12.48 -18.98
CA VAL B 121 -25.55 -12.01 -18.34
C VAL B 121 -25.92 -11.40 -17.00
N PHE B 122 -25.18 -11.77 -15.95
CA PHE B 122 -25.45 -11.24 -14.61
C PHE B 122 -24.90 -9.84 -14.47
N VAL B 123 -25.78 -8.90 -14.11
CA VAL B 123 -25.34 -7.54 -13.95
C VAL B 123 -25.54 -7.00 -12.54
N GLY B 124 -26.08 -7.81 -11.64
CA GLY B 124 -26.23 -7.34 -10.26
C GLY B 124 -26.81 -5.94 -10.13
N ALA B 125 -28.04 -5.77 -10.60
CA ALA B 125 -28.67 -4.45 -10.52
C ALA B 125 -28.80 -3.93 -9.08
N THR B 126 -29.28 -4.75 -8.16
CA THR B 126 -29.36 -4.31 -6.75
C THR B 126 -28.04 -4.63 -6.04
N ASP B 127 -27.20 -5.41 -6.73
CA ASP B 127 -25.97 -5.97 -6.12
C ASP B 127 -24.70 -5.69 -6.96
N SER B 128 -24.21 -4.46 -7.02
CA SER B 128 -24.79 -3.30 -6.31
C SER B 128 -24.73 -2.08 -7.26
N ALA B 129 -25.25 -2.25 -8.45
CA ALA B 129 -25.27 -1.13 -9.41
C ALA B 129 -26.08 0.01 -8.85
N VAL B 130 -27.23 -0.30 -8.24
CA VAL B 130 -28.07 0.75 -7.69
C VAL B 130 -27.32 1.49 -6.58
N PRO B 131 -26.77 0.78 -5.57
CA PRO B 131 -26.03 1.52 -4.53
C PRO B 131 -24.97 2.46 -5.17
N CYS B 132 -24.28 2.00 -6.23
CA CYS B 132 -23.26 2.83 -6.88
C CYS B 132 -23.89 4.13 -7.42
N ALA B 133 -25.00 3.94 -8.10
CA ALA B 133 -25.75 5.06 -8.71
C ALA B 133 -26.29 5.99 -7.65
N MET B 134 -26.69 5.43 -6.52
CA MET B 134 -27.21 6.24 -5.41
C MET B 134 -26.08 7.12 -4.87
N MET B 135 -24.89 6.55 -4.73
CA MET B 135 -23.77 7.37 -4.23
C MET B 135 -23.41 8.49 -5.20
N LEU B 136 -23.41 8.18 -6.49
CA LEU B 136 -23.14 9.18 -7.54
C LEU B 136 -24.22 10.27 -7.55
N GLU B 137 -25.48 9.88 -7.39
CA GLU B 137 -26.57 10.87 -7.39
C GLU B 137 -26.50 11.73 -6.15
N LEU B 138 -26.06 11.15 -5.04
CA LEU B 138 -25.91 11.94 -3.81
C LEU B 138 -24.84 12.99 -4.04
N ALA B 139 -23.71 12.58 -4.61
CA ALA B 139 -22.64 13.54 -4.87
C ALA B 139 -23.15 14.65 -5.79
N ARG B 140 -23.96 14.29 -6.80
CA ARG B 140 -24.49 15.30 -7.71
C ARG B 140 -25.51 16.21 -7.02
N ALA B 141 -26.52 15.61 -6.39
CA ALA B 141 -27.60 16.37 -5.75
C ALA B 141 -27.09 17.33 -4.67
N LEU B 142 -26.08 16.93 -3.92
CA LEU B 142 -25.57 17.78 -2.85
C LEU B 142 -24.32 18.56 -3.21
N ASP B 143 -24.00 18.60 -4.50
CA ASP B 143 -22.79 19.24 -4.97
C ASP B 143 -22.57 20.67 -4.44
N LYS B 144 -23.58 21.52 -4.53
CA LYS B 144 -23.42 22.90 -4.05
C LYS B 144 -23.07 22.94 -2.58
N LYS B 145 -23.77 22.13 -1.79
CA LYS B 145 -23.50 22.10 -0.37
C LYS B 145 -22.12 21.49 -0.06
N LEU B 146 -21.72 20.46 -0.79
CA LEU B 146 -20.42 19.82 -0.55
C LEU B 146 -19.27 20.71 -1.00
N LEU B 147 -19.53 21.57 -1.99
CA LEU B 147 -18.49 22.48 -2.47
C LEU B 147 -18.09 23.44 -1.33
N SER B 148 -19.00 23.69 -0.40
CA SER B 148 -18.69 24.60 0.70
C SER B 148 -17.65 24.03 1.67
N LEU B 149 -17.35 22.73 1.53
CA LEU B 149 -16.36 22.08 2.38
C LEU B 149 -14.92 22.39 1.96
N LYS B 150 -14.75 22.87 0.73
CA LYS B 150 -13.44 23.19 0.20
C LYS B 150 -12.73 24.19 1.10
N PRO B 157 -15.26 19.56 13.83
CA PRO B 157 -15.62 20.25 12.58
C PRO B 157 -14.70 19.81 11.45
N ASP B 158 -13.52 19.29 11.80
CA ASP B 158 -12.62 18.84 10.75
C ASP B 158 -13.15 17.47 10.37
N LEU B 159 -14.33 17.51 9.74
CA LEU B 159 -15.06 16.33 9.32
C LEU B 159 -15.55 16.53 7.90
N SER B 160 -15.34 15.55 7.04
CA SER B 160 -15.82 15.71 5.67
C SER B 160 -16.38 14.37 5.19
N LEU B 161 -16.48 14.21 3.88
CA LEU B 161 -17.09 13.03 3.26
C LEU B 161 -16.16 12.24 2.37
N GLN B 162 -16.34 10.91 2.37
CA GLN B 162 -15.53 10.05 1.53
C GLN B 162 -16.44 8.97 0.96
N LEU B 163 -16.23 8.64 -0.32
CA LEU B 163 -16.98 7.55 -0.97
C LEU B 163 -15.98 6.47 -1.33
N ILE B 164 -16.36 5.22 -1.09
CA ILE B 164 -15.51 4.11 -1.48
C ILE B 164 -16.33 3.14 -2.33
N PHE B 165 -15.83 2.82 -3.50
CA PHE B 165 -16.49 1.83 -4.34
C PHE B 165 -15.51 0.66 -4.34
N PHE B 166 -15.83 -0.41 -3.61
CA PHE B 166 -14.94 -1.56 -3.52
C PHE B 166 -14.99 -2.46 -4.72
N ASP B 167 -13.82 -2.96 -5.12
CA ASP B 167 -13.78 -3.97 -6.20
C ASP B 167 -13.71 -5.34 -5.49
N GLY B 168 -14.07 -6.40 -6.20
CA GLY B 168 -13.94 -7.73 -5.63
C GLY B 168 -14.70 -8.11 -4.37
N GLU B 169 -15.86 -7.52 -4.15
CA GLU B 169 -16.63 -7.92 -2.97
C GLU B 169 -17.03 -9.38 -3.09
N GLU B 170 -17.46 -9.78 -4.30
CA GLU B 170 -17.95 -11.13 -4.51
C GLU B 170 -16.88 -12.20 -4.62
N ALA B 171 -17.23 -13.40 -4.20
CA ALA B 171 -16.33 -14.53 -4.36
C ALA B 171 -16.25 -14.84 -5.86
N PHE B 172 -15.10 -15.36 -6.31
CA PHE B 172 -14.96 -15.79 -7.70
C PHE B 172 -15.54 -17.20 -7.89
N LEU B 173 -15.39 -18.03 -6.85
CA LEU B 173 -15.85 -19.42 -6.91
C LEU B 173 -16.77 -19.89 -5.76
N HIS B 174 -16.43 -19.58 -4.52
CA HIS B 174 -17.25 -20.00 -3.38
C HIS B 174 -16.84 -19.12 -2.23
N TRP B 175 -17.81 -18.45 -1.61
CA TRP B 175 -17.53 -17.52 -0.53
C TRP B 175 -16.79 -18.17 0.64
N SER B 176 -15.61 -17.64 0.92
CA SER B 176 -14.79 -18.13 2.03
C SER B 176 -13.86 -16.96 2.42
N PRO B 177 -13.11 -17.08 3.52
CA PRO B 177 -12.25 -15.95 3.86
C PRO B 177 -11.23 -15.53 2.82
N GLN B 178 -10.72 -16.49 2.03
CA GLN B 178 -9.74 -16.16 0.99
C GLN B 178 -10.36 -15.92 -0.40
N ASP B 179 -11.67 -16.15 -0.56
CA ASP B 179 -12.30 -15.88 -1.86
C ASP B 179 -13.57 -15.04 -1.60
N SER B 180 -13.38 -13.73 -1.50
CA SER B 180 -14.40 -12.73 -1.27
C SER B 180 -13.74 -11.53 -0.64
N LEU B 181 -14.44 -10.40 -0.69
CA LEU B 181 -13.98 -9.17 -0.03
C LEU B 181 -12.55 -8.82 -0.34
N TYR B 182 -12.15 -9.04 -1.59
CA TYR B 182 -10.81 -8.73 -1.98
C TYR B 182 -10.45 -7.26 -1.76
N GLY B 183 -11.32 -6.37 -2.27
CA GLY B 183 -11.06 -4.95 -2.17
C GLY B 183 -11.08 -4.39 -0.77
N SER B 184 -12.06 -4.83 0.02
CA SER B 184 -12.20 -4.32 1.38
C SER B 184 -11.16 -4.90 2.32
N ARG B 185 -10.81 -6.18 2.17
CA ARG B 185 -9.76 -6.71 3.03
C ARG B 185 -8.47 -5.94 2.76
N HIS B 186 -8.18 -5.69 1.48
CA HIS B 186 -6.99 -4.96 1.15
C HIS B 186 -7.00 -3.54 1.66
N LEU B 187 -8.11 -2.83 1.44
CA LEU B 187 -8.17 -1.42 1.81
C LEU B 187 -8.20 -1.21 3.31
N ALA B 188 -8.89 -2.07 4.03
CA ALA B 188 -8.93 -1.92 5.49
C ALA B 188 -7.51 -2.08 6.02
N ALA B 189 -6.77 -3.06 5.50
CA ALA B 189 -5.39 -3.25 5.98
C ALA B 189 -4.50 -2.07 5.59
N LYS B 190 -4.70 -1.53 4.38
CA LYS B 190 -3.92 -0.39 3.94
C LYS B 190 -4.27 0.85 4.80
N MET B 191 -5.54 1.10 5.03
CA MET B 191 -5.91 2.28 5.84
C MET B 191 -5.44 2.15 7.31
N ALA B 192 -5.43 0.93 7.83
CA ALA B 192 -5.01 0.73 9.23
C ALA B 192 -3.53 0.97 9.40
N SER B 193 -2.77 0.89 8.31
CA SER B 193 -1.33 1.08 8.45
C SER B 193 -0.83 2.39 7.82
N THR B 194 -1.75 3.28 7.44
CA THR B 194 -1.37 4.54 6.84
C THR B 194 -1.58 5.65 7.85
N PRO B 195 -0.51 6.39 8.19
CA PRO B 195 -0.71 7.46 9.18
C PRO B 195 -1.73 8.48 8.74
N HIS B 196 -2.55 8.96 9.68
CA HIS B 196 -3.51 10.01 9.36
C HIS B 196 -3.71 10.90 10.59
N PRO B 197 -3.62 12.22 10.42
CA PRO B 197 -3.33 12.89 9.15
C PRO B 197 -1.83 12.71 8.83
N PRO B 198 -1.41 13.11 7.62
CA PRO B 198 0.01 12.95 7.26
C PRO B 198 0.90 13.43 8.40
N GLY B 199 1.96 12.67 8.67
CA GLY B 199 2.88 13.00 9.74
C GLY B 199 2.55 12.41 11.10
N ALA B 200 1.35 11.86 11.27
CA ALA B 200 0.96 11.29 12.57
C ALA B 200 1.83 10.12 12.96
N ARG B 201 2.09 9.96 14.26
CA ARG B 201 2.92 8.86 14.70
C ARG B 201 2.14 7.66 15.18
N GLY B 202 0.88 7.87 15.58
CA GLY B 202 0.14 6.75 16.09
C GLY B 202 -1.32 6.60 15.73
N THR B 203 -1.81 7.45 14.83
CA THR B 203 -3.21 7.41 14.41
C THR B 203 -3.21 7.10 12.93
N SER B 204 -4.22 6.34 12.49
CA SER B 204 -4.28 5.90 11.08
C SER B 204 -5.52 6.41 10.33
N GLN B 205 -5.53 6.17 9.02
CA GLN B 205 -6.70 6.56 8.22
C GLN B 205 -7.92 5.79 8.72
N LEU B 206 -7.73 4.61 9.26
CA LEU B 206 -8.90 3.84 9.75
C LEU B 206 -9.51 4.58 10.94
N HIS B 207 -8.66 5.14 11.79
CA HIS B 207 -9.19 5.88 12.96
C HIS B 207 -9.99 7.09 12.46
N GLY B 208 -9.67 7.58 11.27
CA GLY B 208 -10.37 8.72 10.73
C GLY B 208 -11.78 8.42 10.26
N MET B 209 -12.10 7.14 10.08
CA MET B 209 -13.45 6.78 9.62
C MET B 209 -14.45 6.92 10.78
N ASP B 210 -15.26 7.96 10.74
CA ASP B 210 -16.28 8.18 11.77
C ASP B 210 -17.30 7.06 11.84
N LEU B 211 -17.76 6.66 10.64
CA LEU B 211 -18.82 5.68 10.48
C LEU B 211 -18.78 5.24 9.03
N LEU B 212 -18.93 3.94 8.81
CA LEU B 212 -18.93 3.38 7.46
C LEU B 212 -20.38 3.02 7.20
N VAL B 213 -20.98 3.70 6.23
CA VAL B 213 -22.37 3.45 5.87
C VAL B 213 -22.23 2.63 4.59
N LEU B 214 -22.47 1.32 4.69
CA LEU B 214 -22.29 0.42 3.55
C LEU B 214 -23.63 0.08 2.94
N LEU B 215 -23.82 0.46 1.67
CA LEU B 215 -25.06 0.19 0.94
C LEU B 215 -24.89 -1.10 0.14
N ASP B 216 -25.84 -2.02 0.21
CA ASP B 216 -25.75 -3.27 -0.55
C ASP B 216 -27.15 -3.85 -0.77
N LEU B 217 -27.37 -4.44 -1.94
CA LEU B 217 -28.65 -5.09 -2.27
C LEU B 217 -29.84 -4.14 -2.15
N ILE B 218 -29.69 -2.95 -2.70
CA ILE B 218 -30.78 -1.96 -2.65
C ILE B 218 -31.38 -1.79 -4.05
N GLY B 219 -32.70 -1.72 -4.10
CA GLY B 219 -33.36 -1.53 -5.39
C GLY B 219 -34.65 -2.28 -5.53
N ALA B 220 -34.82 -3.34 -4.73
CA ALA B 220 -36.06 -4.13 -4.78
C ALA B 220 -37.15 -3.40 -3.99
N PRO B 221 -38.41 -3.70 -4.28
CA PRO B 221 -39.51 -3.05 -3.54
C PRO B 221 -39.60 -3.60 -2.12
N ASN B 222 -40.18 -2.79 -1.24
CA ASN B 222 -40.42 -3.17 0.14
C ASN B 222 -39.26 -3.72 0.95
N PRO B 223 -38.11 -3.04 0.91
CA PRO B 223 -36.97 -3.53 1.67
C PRO B 223 -37.15 -3.28 3.16
N THR B 224 -36.57 -4.14 3.98
CA THR B 224 -36.61 -3.95 5.43
C THR B 224 -35.18 -4.07 5.92
N PHE B 225 -34.65 -2.96 6.42
CA PHE B 225 -33.27 -2.92 6.93
C PHE B 225 -33.27 -3.05 8.45
N PRO B 226 -32.54 -4.05 8.97
CA PRO B 226 -32.47 -4.22 10.43
C PRO B 226 -31.38 -3.34 11.02
N ASN B 227 -31.48 -3.11 12.33
CA ASN B 227 -30.48 -2.30 13.05
C ASN B 227 -29.47 -3.37 13.49
N PHE B 228 -28.38 -3.50 12.75
CA PHE B 228 -27.40 -4.54 13.05
C PHE B 228 -26.46 -4.41 14.25
N PHE B 229 -26.06 -3.20 14.57
CA PHE B 229 -25.04 -3.01 15.59
C PHE B 229 -25.44 -2.06 16.69
N PRO B 230 -25.29 -2.52 17.94
CA PRO B 230 -25.67 -1.61 18.99
C PRO B 230 -24.85 -0.33 19.01
N ASN B 231 -23.60 -0.37 18.53
CA ASN B 231 -22.80 0.86 18.58
C ASN B 231 -23.07 1.89 17.45
N SER B 232 -24.03 1.61 16.58
CA SER B 232 -24.41 2.60 15.58
C SER B 232 -25.93 2.73 15.61
N ALA B 233 -26.56 2.15 16.63
CA ALA B 233 -28.02 2.21 16.75
C ALA B 233 -28.57 3.62 16.72
N ARG B 234 -27.86 4.58 17.31
CA ARG B 234 -28.37 5.93 17.33
C ARG B 234 -28.41 6.55 15.93
N TRP B 235 -27.54 6.09 15.03
CA TRP B 235 -27.55 6.64 13.67
C TRP B 235 -28.65 5.92 12.87
N PHE B 236 -28.93 4.67 13.22
CA PHE B 236 -30.01 3.92 12.57
C PHE B 236 -31.31 4.64 12.97
N GLU B 237 -31.38 5.07 14.23
CA GLU B 237 -32.59 5.76 14.71
C GLU B 237 -32.82 7.07 13.96
N ARG B 238 -31.73 7.70 13.53
CA ARG B 238 -31.85 8.91 12.75
C ARG B 238 -32.43 8.57 11.37
N LEU B 239 -32.05 7.42 10.79
CA LEU B 239 -32.61 7.05 9.49
C LEU B 239 -34.12 6.87 9.65
N GLN B 240 -34.54 6.23 10.75
CA GLN B 240 -35.96 6.02 11.01
C GLN B 240 -36.66 7.37 11.12
N ALA B 241 -36.08 8.27 11.90
CA ALA B 241 -36.68 9.59 12.11
C ALA B 241 -36.82 10.37 10.81
N ILE B 242 -35.79 10.32 9.97
CA ILE B 242 -35.78 11.01 8.68
C ILE B 242 -36.84 10.43 7.76
N GLU B 243 -36.94 9.10 7.73
CA GLU B 243 -37.93 8.43 6.89
C GLU B 243 -39.34 8.83 7.34
N HIS B 244 -39.56 8.82 8.66
CA HIS B 244 -40.86 9.15 9.20
C HIS B 244 -41.26 10.59 8.87
N GLU B 245 -40.36 11.53 9.07
CA GLU B 245 -40.69 12.92 8.81
C GLU B 245 -40.88 13.19 7.34
N LEU B 246 -40.05 12.58 6.48
CA LEU B 246 -40.24 12.80 5.04
C LEU B 246 -41.61 12.23 4.64
N HIS B 247 -41.99 11.10 5.21
CA HIS B 247 -43.30 10.51 4.91
C HIS B 247 -44.39 11.51 5.33
N GLU B 248 -44.31 11.97 6.58
CA GLU B 248 -45.30 12.91 7.14
C GLU B 248 -45.43 14.20 6.34
N LEU B 249 -44.34 14.67 5.77
CA LEU B 249 -44.35 15.88 4.96
C LEU B 249 -44.78 15.63 3.52
N GLY B 250 -45.20 14.40 3.23
CA GLY B 250 -45.64 14.03 1.88
C GLY B 250 -44.54 14.10 0.84
N LEU B 251 -43.29 13.88 1.28
CA LEU B 251 -42.15 13.96 0.37
C LEU B 251 -41.65 12.60 -0.11
N LEU B 252 -42.35 11.53 0.26
CA LEU B 252 -41.99 10.18 -0.19
C LEU B 252 -43.09 9.64 -1.16
N LYS B 253 -42.72 8.75 -2.07
CA LYS B 253 -43.68 8.20 -3.04
C LYS B 253 -44.03 6.75 -2.79
N ASP B 254 -45.31 6.37 -2.95
CA ASP B 254 -45.71 4.98 -2.76
C ASP B 254 -45.15 4.43 -1.45
N HIS B 255 -45.22 5.23 -0.40
CA HIS B 255 -44.66 4.83 0.88
C HIS B 255 -45.64 4.80 2.03
N SER B 256 -45.66 3.70 2.77
CA SER B 256 -46.58 3.57 3.91
C SER B 256 -45.78 3.34 5.19
N LEU B 257 -46.27 3.89 6.30
CA LEU B 257 -45.59 3.72 7.56
C LEU B 257 -45.63 2.25 7.98
N GLU B 258 -46.66 1.56 7.51
CA GLU B 258 -46.82 0.14 7.81
C GLU B 258 -45.75 -0.66 7.08
N GLY B 259 -45.23 -0.10 6.00
CA GLY B 259 -44.20 -0.78 5.22
C GLY B 259 -42.91 0.02 5.20
N ARG B 260 -42.61 0.69 6.30
CA ARG B 260 -41.39 1.49 6.37
C ARG B 260 -40.15 0.62 6.18
N TYR B 261 -39.07 1.25 5.71
CA TYR B 261 -37.81 0.54 5.45
C TYR B 261 -37.00 0.29 6.70
N PHE B 262 -36.97 1.26 7.60
CA PHE B 262 -36.16 1.09 8.79
C PHE B 262 -37.01 0.67 9.98
N GLN B 263 -37.01 -0.65 10.19
CA GLN B 263 -37.76 -1.36 11.22
C GLN B 263 -37.16 -1.28 12.62
N ASN B 264 -38.03 -1.29 13.61
CA ASN B 264 -37.64 -1.22 15.01
C ASN B 264 -36.97 -2.52 15.49
N TYR B 265 -36.29 -3.24 14.60
CA TYR B 265 -35.71 -4.51 15.05
C TYR B 265 -34.22 -4.75 14.79
N SER B 266 -33.63 -5.60 15.62
CA SER B 266 -32.22 -5.92 15.55
C SER B 266 -31.95 -7.29 14.94
N TYR B 267 -30.74 -7.47 14.41
CA TYR B 267 -30.31 -8.71 13.80
C TYR B 267 -29.09 -9.20 14.58
N GLY B 268 -29.29 -10.26 15.36
CA GLY B 268 -28.25 -10.83 16.20
C GLY B 268 -26.82 -10.93 15.67
N GLY B 269 -26.65 -11.52 14.50
CA GLY B 269 -25.32 -11.66 13.95
C GLY B 269 -24.96 -10.66 12.88
N VAL B 270 -24.19 -11.14 11.91
CA VAL B 270 -23.80 -10.26 10.85
C VAL B 270 -23.97 -11.02 9.56
N ILE B 271 -23.95 -10.26 8.49
CA ILE B 271 -24.07 -10.84 7.18
C ILE B 271 -22.71 -10.45 6.65
N GLN B 272 -21.93 -11.40 6.13
CA GLN B 272 -20.60 -11.07 5.62
C GLN B 272 -20.72 -10.05 4.47
N ASP B 273 -19.88 -9.03 4.49
CA ASP B 273 -19.87 -8.01 3.45
C ASP B 273 -18.59 -7.16 3.61
N ASP B 274 -18.46 -6.13 2.79
CA ASP B 274 -17.28 -5.27 2.79
C ASP B 274 -16.98 -4.55 4.10
N HIS B 275 -17.94 -4.48 5.00
CA HIS B 275 -17.69 -3.78 6.27
C HIS B 275 -16.89 -4.62 7.24
N ILE B 276 -16.87 -5.92 7.02
CA ILE B 276 -16.21 -6.85 7.96
C ILE B 276 -14.76 -6.52 8.32
N PRO B 277 -13.88 -6.29 7.31
CA PRO B 277 -12.48 -5.96 7.62
C PRO B 277 -12.34 -4.66 8.39
N PHE B 278 -13.36 -3.81 8.33
CA PHE B 278 -13.33 -2.53 9.06
C PHE B 278 -13.93 -2.71 10.44
N LEU B 279 -15.04 -3.43 10.48
CA LEU B 279 -15.75 -3.71 11.74
C LEU B 279 -14.80 -4.41 12.72
N ARG B 280 -14.05 -5.37 12.20
CA ARG B 280 -13.18 -6.15 13.06
C ARG B 280 -12.01 -5.36 13.63
N ARG B 281 -11.79 -4.16 13.09
CA ARG B 281 -10.74 -3.26 13.56
C ARG B 281 -11.31 -2.08 14.34
N GLY B 282 -12.59 -2.11 14.59
CA GLY B 282 -13.17 -1.06 15.43
C GLY B 282 -13.96 0.04 14.75
N VAL B 283 -14.07 -0.01 13.42
CA VAL B 283 -14.81 1.05 12.74
C VAL B 283 -16.32 0.87 12.94
N PRO B 284 -17.04 1.95 13.33
CA PRO B 284 -18.49 1.82 13.52
C PRO B 284 -19.10 1.68 12.12
N VAL B 285 -20.07 0.78 12.03
CA VAL B 285 -20.73 0.50 10.74
C VAL B 285 -22.24 0.62 10.80
N LEU B 286 -22.82 1.20 9.75
CA LEU B 286 -24.26 1.24 9.60
C LEU B 286 -24.38 0.42 8.29
N HIS B 287 -24.85 -0.83 8.40
CA HIS B 287 -24.94 -1.73 7.24
C HIS B 287 -26.33 -1.65 6.60
N LEU B 288 -26.44 -0.89 5.52
CA LEU B 288 -27.73 -0.76 4.86
C LEU B 288 -27.88 -1.84 3.81
N ILE B 289 -28.15 -3.04 4.29
CA ILE B 289 -28.42 -4.18 3.45
C ILE B 289 -29.72 -4.73 4.04
N PRO B 290 -30.68 -5.06 3.17
CA PRO B 290 -31.95 -5.56 3.70
C PRO B 290 -31.95 -7.03 4.11
N SER B 291 -32.91 -7.36 4.98
CA SER B 291 -33.09 -8.75 5.37
C SER B 291 -34.60 -8.88 5.42
N PRO B 292 -35.18 -9.76 4.59
CA PRO B 292 -34.54 -10.64 3.60
C PRO B 292 -33.91 -9.92 2.43
N PHE B 293 -33.07 -10.66 1.72
CA PHE B 293 -32.43 -10.13 0.54
C PHE B 293 -33.48 -10.05 -0.56
N PRO B 294 -33.22 -9.28 -1.63
CA PRO B 294 -34.19 -9.19 -2.72
C PRO B 294 -34.48 -10.62 -3.22
N GLU B 295 -35.69 -10.90 -3.68
CA GLU B 295 -36.03 -12.24 -4.16
C GLU B 295 -35.14 -12.68 -5.31
N VAL B 296 -34.67 -11.72 -6.11
CA VAL B 296 -33.82 -12.04 -7.28
C VAL B 296 -32.32 -12.18 -6.97
N TRP B 297 -31.94 -12.12 -5.69
CA TRP B 297 -30.53 -12.20 -5.31
C TRP B 297 -29.76 -13.35 -5.99
N HIS B 298 -28.61 -12.99 -6.56
CA HIS B 298 -27.74 -13.93 -7.27
C HIS B 298 -28.41 -14.79 -8.32
N THR B 299 -29.31 -14.16 -9.07
CA THR B 299 -29.96 -14.81 -10.22
C THR B 299 -29.91 -13.80 -11.37
N MET B 300 -30.18 -14.28 -12.58
CA MET B 300 -30.16 -13.40 -13.74
C MET B 300 -31.30 -12.39 -13.69
N ASP B 301 -32.27 -12.60 -12.81
CA ASP B 301 -33.35 -11.65 -12.67
C ASP B 301 -33.00 -10.44 -11.79
N ASP B 302 -31.75 -10.38 -11.30
CA ASP B 302 -31.40 -9.16 -10.53
C ASP B 302 -30.99 -8.20 -11.62
N ASN B 303 -32.01 -7.65 -12.28
CA ASN B 303 -31.80 -6.78 -13.43
C ASN B 303 -32.57 -5.47 -13.33
N GLU B 304 -32.50 -4.66 -14.38
CA GLU B 304 -33.16 -3.36 -14.34
C GLU B 304 -34.69 -3.46 -14.20
N GLU B 305 -35.28 -4.43 -14.88
CA GLU B 305 -36.73 -4.58 -14.87
C GLU B 305 -37.31 -4.86 -13.48
N ASN B 306 -36.52 -5.50 -12.63
CA ASN B 306 -37.01 -5.82 -11.30
C ASN B 306 -36.76 -4.77 -10.24
N LEU B 307 -36.10 -3.68 -10.63
CA LEU B 307 -35.87 -2.57 -9.70
C LEU B 307 -37.15 -1.77 -9.51
N ASP B 308 -37.23 -1.06 -8.38
CA ASP B 308 -38.38 -0.24 -8.10
C ASP B 308 -37.98 1.21 -7.95
N GLU B 309 -38.34 2.00 -8.95
CA GLU B 309 -38.00 3.42 -9.02
C GLU B 309 -38.36 4.23 -7.75
N SER B 310 -39.61 4.12 -7.28
CA SER B 310 -40.04 4.91 -6.13
C SER B 310 -39.24 4.58 -4.86
N THR B 311 -38.96 3.31 -4.67
CA THR B 311 -38.21 2.89 -3.48
C THR B 311 -36.85 3.53 -3.45
N ILE B 312 -36.14 3.47 -4.59
CA ILE B 312 -34.81 4.04 -4.69
C ILE B 312 -34.86 5.56 -4.53
N ASP B 313 -35.85 6.19 -5.15
CA ASP B 313 -35.99 7.64 -5.04
C ASP B 313 -36.20 7.99 -3.55
N ASN B 314 -37.00 7.19 -2.84
CA ASN B 314 -37.25 7.45 -1.42
C ASN B 314 -35.96 7.32 -0.59
N LEU B 315 -35.21 6.26 -0.85
CA LEU B 315 -33.96 6.02 -0.11
C LEU B 315 -32.92 7.07 -0.45
N ASN B 316 -32.91 7.57 -1.70
CA ASN B 316 -31.97 8.64 -2.06
C ASN B 316 -32.24 9.87 -1.18
N LYS B 317 -33.51 10.21 -1.04
CA LYS B 317 -33.87 11.37 -0.23
C LYS B 317 -33.45 11.15 1.23
N ILE B 318 -33.78 9.97 1.77
CA ILE B 318 -33.45 9.67 3.16
C ILE B 318 -31.94 9.72 3.40
N LEU B 319 -31.18 9.11 2.49
CA LEU B 319 -29.72 9.08 2.63
C LEU B 319 -29.12 10.45 2.51
N GLN B 320 -29.60 11.23 1.55
CA GLN B 320 -29.08 12.56 1.36
C GLN B 320 -29.31 13.42 2.60
N VAL B 321 -30.49 13.34 3.18
CA VAL B 321 -30.75 14.10 4.39
C VAL B 321 -29.77 13.63 5.48
N PHE B 322 -29.62 12.32 5.63
CA PHE B 322 -28.74 11.78 6.65
C PHE B 322 -27.32 12.33 6.50
N VAL B 323 -26.81 12.36 5.29
CA VAL B 323 -25.47 12.85 5.06
C VAL B 323 -25.34 14.35 5.39
N LEU B 324 -26.32 15.18 5.01
CA LEU B 324 -26.20 16.60 5.32
C LEU B 324 -26.27 16.81 6.84
N GLU B 325 -27.17 16.09 7.50
CA GLU B 325 -27.30 16.27 8.95
C GLU B 325 -26.04 15.79 9.66
N TYR B 326 -25.37 14.78 9.12
CA TYR B 326 -24.16 14.31 9.77
C TYR B 326 -23.04 15.35 9.63
N LEU B 327 -22.94 15.94 8.44
CA LEU B 327 -21.90 16.91 8.12
C LEU B 327 -22.19 18.34 8.53
N HIS B 328 -23.41 18.58 9.02
CA HIS B 328 -23.90 19.91 9.40
C HIS B 328 -23.92 20.86 8.20
N LEU B 329 -24.48 20.37 7.10
CA LEU B 329 -24.58 21.17 5.88
C LEU B 329 -26.05 21.42 5.53
#